data_2XD5
#
_entry.id   2XD5
#
_cell.length_a   96.800
_cell.length_b   101.100
_cell.length_c   145.000
_cell.angle_alpha   90.00
_cell.angle_beta   90.00
_cell.angle_gamma   90.00
#
_symmetry.space_group_name_H-M   'P 21 21 21'
#
loop_
_entity.id
_entity.type
_entity.pdbx_description
1 polymer 'PENICILLIN-BINDING PROTEIN 1B'
2 non-polymer 'SULFATE ION'
3 non-polymer N-BENZOYL-D-ALANINE
4 non-polymer 'CHLORIDE ION'
5 water water
#
_entity_poly.entity_id   1
_entity_poly.type   'polypeptide(L)'
_entity_poly.pdbx_seq_one_letter_code
;DISSISEITYSDGTVIASIESDMLRQDFLPSGTVTGISQDYLYFTTLAEAQERMYDYLAQRDNVSAKELKNEATQKFYRD
LAAKEIENGGYKITTTIDQKIHSAMQSAVADYGYLLDDGTGRVEVGNVLMDNQTGAILGFVGGRNYQENQNNHAFDTKRS
PASTTKPLLAYGIAIDQGLMGSETILSNYPTNFANGNPIMYANSKGTGMMTLGEALNYSWNIPAYWTYRMLRENGVDVKG
YMEKMGYEIPEYGIESLPMGGGIEVTVAQHTNGYQTLANNGVYHQKHVISKIEAADGRVVYEYQDKPVQVYSKATATIMQ
GLLREVLSSRVTTTFKSNLTSLNPTLANADWIGKTGTTNQDENMWLMLSTPRLTLGGWIGHDDNHSLSQQAGYSNNSNYM
AHLVNAIQQASPSIWGNERFALDPSVVKSEVLKSTGQKPGKVSVEGKEVEVTGSTVTSYWANKSGAPATSYRFAIGGSDA
DYQNAWSSIVGSLP
;
_entity_poly.pdbx_strand_id   A,B
#
loop_
_chem_comp.id
_chem_comp.type
_chem_comp.name
_chem_comp.formula
CL non-polymer 'CHLORIDE ION' 'Cl -1'
SO4 non-polymer 'SULFATE ION' 'O4 S -2'
#
# COMPACT_ATOMS: atom_id res chain seq x y z
N ILE A 5 -12.73 20.02 -48.21
CA ILE A 5 -14.14 19.45 -48.20
C ILE A 5 -14.40 18.16 -47.31
N SER A 6 -13.30 17.51 -46.84
CA SER A 6 -13.31 16.30 -45.92
C SER A 6 -13.14 16.57 -44.41
N GLU A 7 -13.98 15.96 -43.58
CA GLU A 7 -13.93 16.19 -42.10
C GLU A 7 -14.05 15.00 -41.11
N ILE A 8 -13.43 15.21 -39.92
CA ILE A 8 -13.39 14.21 -38.85
C ILE A 8 -14.09 14.75 -37.62
N THR A 9 -14.96 13.93 -37.01
CA THR A 9 -15.80 14.37 -35.92
C THR A 9 -15.74 13.48 -34.68
N TYR A 10 -16.01 14.09 -33.53
CA TYR A 10 -16.42 13.37 -32.31
C TYR A 10 -17.61 12.42 -32.52
N SER A 11 -17.94 11.58 -31.56
CA SER A 11 -19.04 10.61 -31.77
C SER A 11 -20.41 11.27 -31.86
N ASP A 12 -20.46 12.54 -31.46
CA ASP A 12 -21.67 13.33 -31.39
C ASP A 12 -21.75 14.28 -32.62
N GLY A 13 -21.04 13.99 -33.70
CA GLY A 13 -21.00 14.92 -34.83
C GLY A 13 -20.13 16.19 -34.73
N THR A 14 -19.85 16.71 -33.52
CA THR A 14 -18.93 17.89 -33.36
C THR A 14 -17.56 17.77 -34.07
N VAL A 15 -17.13 18.87 -34.67
CA VAL A 15 -16.06 18.77 -35.67
C VAL A 15 -14.69 18.77 -35.00
N ILE A 16 -13.93 17.68 -35.20
CA ILE A 16 -12.50 17.70 -34.85
C ILE A 16 -11.64 18.55 -35.80
N ALA A 17 -11.60 18.20 -37.10
CA ALA A 17 -10.89 19.01 -38.15
C ALA A 17 -11.16 18.64 -39.63
N SER A 18 -10.46 19.37 -40.51
CA SER A 18 -10.43 19.21 -42.00
C SER A 18 -9.26 18.36 -42.53
N ILE A 19 -9.62 17.21 -43.13
CA ILE A 19 -8.73 16.04 -43.22
C ILE A 19 -7.81 16.04 -44.43
N ASP A 40 -3.94 16.91 -30.91
CA ASP A 40 -2.94 16.82 -31.97
C ASP A 40 -2.66 15.38 -32.28
N TYR A 41 -2.11 14.65 -31.30
CA TYR A 41 -2.30 13.23 -31.29
C TYR A 41 -3.70 12.81 -31.85
N LEU A 42 -4.75 13.56 -31.48
CA LEU A 42 -6.15 13.23 -31.80
C LEU A 42 -6.33 13.21 -33.30
N TYR A 43 -5.84 14.29 -33.93
CA TYR A 43 -5.88 14.45 -35.37
C TYR A 43 -5.16 13.29 -36.13
N PHE A 44 -3.89 13.09 -35.86
CA PHE A 44 -3.10 12.08 -36.56
C PHE A 44 -3.54 10.70 -36.31
N THR A 45 -3.92 10.41 -35.07
CA THR A 45 -4.35 9.08 -34.76
C THR A 45 -5.56 8.74 -35.58
N THR A 46 -6.53 9.66 -35.58
CA THR A 46 -7.81 9.36 -36.21
C THR A 46 -7.72 9.40 -37.79
N LEU A 47 -7.03 10.42 -38.31
CA LEU A 47 -6.60 10.36 -39.70
C LEU A 47 -5.96 9.01 -40.02
N ALA A 48 -4.98 8.58 -39.21
CA ALA A 48 -4.30 7.35 -39.58
C ALA A 48 -5.27 6.19 -39.63
N GLU A 49 -6.17 6.03 -38.62
CA GLU A 49 -7.12 4.87 -38.65
C GLU A 49 -8.09 4.97 -39.85
N ALA A 50 -8.67 6.14 -40.08
CA ALA A 50 -9.47 6.39 -41.32
C ALA A 50 -8.73 5.97 -42.61
N GLN A 51 -7.47 6.32 -42.71
CA GLN A 51 -6.65 5.91 -43.84
C GLN A 51 -6.54 4.45 -43.92
N GLU A 52 -6.34 3.82 -42.77
N GLU A 52 -6.38 3.77 -42.79
CA GLU A 52 -6.28 2.37 -42.71
CA GLU A 52 -6.28 2.33 -42.88
C GLU A 52 -7.60 1.84 -43.33
C GLU A 52 -7.64 1.72 -43.29
N ARG A 53 -8.76 2.33 -42.87
CA ARG A 53 -10.06 1.81 -43.26
C ARG A 53 -10.30 2.06 -44.76
N MET A 54 -9.91 3.23 -45.23
CA MET A 54 -9.96 3.59 -46.67
C MET A 54 -9.12 2.68 -47.55
N TYR A 55 -7.90 2.42 -47.13
CA TYR A 55 -7.07 1.42 -47.78
C TYR A 55 -7.80 0.13 -47.93
N ASP A 56 -8.46 -0.32 -46.85
CA ASP A 56 -9.12 -1.61 -46.95
C ASP A 56 -10.20 -1.60 -48.00
N TYR A 57 -10.89 -0.47 -48.07
CA TYR A 57 -12.04 -0.29 -48.92
C TYR A 57 -11.59 -0.20 -50.44
N LEU A 58 -10.64 0.69 -50.74
CA LEU A 58 -9.98 0.73 -52.04
C LEU A 58 -9.50 -0.65 -52.47
N ALA A 59 -8.82 -1.38 -51.59
CA ALA A 59 -8.32 -2.69 -51.96
C ALA A 59 -9.44 -3.64 -52.31
N GLN A 60 -10.50 -3.73 -51.51
CA GLN A 60 -11.58 -4.64 -51.84
C GLN A 60 -12.30 -4.17 -53.11
N ARG A 61 -12.53 -2.86 -53.23
CA ARG A 61 -13.15 -2.23 -54.40
C ARG A 61 -12.41 -2.64 -55.69
N ASP A 62 -11.10 -2.52 -55.74
CA ASP A 62 -10.39 -2.94 -56.93
C ASP A 62 -10.07 -4.41 -56.87
N ASN A 63 -10.73 -5.11 -55.96
CA ASN A 63 -10.60 -6.52 -55.87
C ASN A 63 -9.13 -6.96 -55.96
N VAL A 64 -8.24 -6.24 -55.28
CA VAL A 64 -6.80 -6.56 -55.29
C VAL A 64 -6.46 -7.93 -54.72
N SER A 65 -6.89 -8.22 -53.51
CA SER A 65 -6.74 -9.59 -53.04
C SER A 65 -5.38 -10.30 -52.88
N ALA A 66 -5.05 -10.54 -51.60
CA ALA A 66 -4.24 -11.68 -51.09
C ALA A 66 -2.74 -11.50 -51.20
N LYS A 67 -2.14 -12.29 -52.09
CA LYS A 67 -0.68 -12.32 -52.25
C LYS A 67 -0.24 -11.04 -52.94
N GLU A 68 -1.18 -10.49 -53.69
CA GLU A 68 -0.99 -9.23 -54.38
C GLU A 68 -0.86 -8.11 -53.36
N LEU A 69 -1.68 -8.17 -52.30
CA LEU A 69 -1.60 -7.25 -51.15
C LEU A 69 -0.28 -7.28 -50.38
N LYS A 70 0.44 -8.39 -50.45
CA LYS A 70 1.73 -8.51 -49.71
C LYS A 70 2.86 -7.75 -50.41
N ASN A 71 2.74 -7.55 -51.74
CA ASN A 71 3.71 -6.79 -52.53
C ASN A 71 3.83 -5.38 -51.99
N GLU A 72 5.05 -4.89 -51.74
CA GLU A 72 5.11 -3.59 -51.11
C GLU A 72 4.92 -2.40 -52.05
N ALA A 73 5.23 -2.58 -53.33
CA ALA A 73 5.00 -1.51 -54.28
C ALA A 73 3.48 -1.21 -54.34
N THR A 74 2.70 -2.28 -54.30
CA THR A 74 1.29 -2.07 -54.36
C THR A 74 0.75 -1.57 -52.97
N GLN A 75 1.28 -2.12 -51.90
CA GLN A 75 1.04 -1.55 -50.60
C GLN A 75 1.24 -0.03 -50.65
N LYS A 76 2.35 0.42 -51.23
CA LYS A 76 2.63 1.86 -51.24
C LYS A 76 1.59 2.59 -52.06
N PHE A 77 1.24 1.99 -53.20
CA PHE A 77 0.33 2.66 -54.12
C PHE A 77 -1.02 2.88 -53.41
N TYR A 78 -1.49 1.87 -52.71
CA TYR A 78 -2.78 1.96 -52.02
C TYR A 78 -2.80 2.89 -50.80
N ARG A 79 -1.72 2.90 -50.03
CA ARG A 79 -1.61 3.91 -48.97
C ARG A 79 -1.71 5.30 -49.51
N ASP A 80 -0.99 5.55 -50.60
CA ASP A 80 -1.00 6.87 -51.20
C ASP A 80 -2.44 7.21 -51.76
N LEU A 81 -3.08 6.20 -52.34
CA LEU A 81 -4.46 6.40 -52.84
C LEU A 81 -5.46 6.67 -51.69
N ALA A 82 -5.43 5.82 -50.65
CA ALA A 82 -6.20 6.06 -49.40
C ALA A 82 -6.03 7.48 -48.89
N ALA A 83 -4.78 7.93 -48.75
CA ALA A 83 -4.56 9.29 -48.20
C ALA A 83 -5.22 10.31 -49.09
N LYS A 84 -4.88 10.28 -50.37
CA LYS A 84 -5.50 11.21 -51.34
C LYS A 84 -7.04 11.20 -51.41
N GLU A 85 -7.68 10.01 -51.34
CA GLU A 85 -9.13 9.96 -51.22
C GLU A 85 -9.60 10.86 -50.09
N ILE A 86 -8.99 10.71 -48.94
CA ILE A 86 -9.46 11.47 -47.83
C ILE A 86 -9.32 12.98 -48.05
N GLU A 87 -8.21 13.48 -48.56
CA GLU A 87 -8.19 14.93 -48.81
C GLU A 87 -9.05 15.36 -50.00
N ASN A 88 -9.30 14.44 -50.94
CA ASN A 88 -10.03 14.86 -52.16
C ASN A 88 -11.52 14.71 -52.16
N GLY A 89 -12.00 13.48 -51.88
CA GLY A 89 -13.40 13.20 -51.62
C GLY A 89 -13.89 14.21 -50.59
N GLY A 90 -15.16 14.11 -50.28
CA GLY A 90 -15.64 15.01 -49.26
C GLY A 90 -16.25 14.02 -48.31
N TYR A 91 -15.37 13.33 -47.56
CA TYR A 91 -15.80 12.21 -46.70
C TYR A 91 -16.15 12.75 -45.31
N LYS A 92 -17.25 12.27 -44.74
CA LYS A 92 -17.59 12.54 -43.35
C LYS A 92 -17.12 11.31 -42.53
N ILE A 93 -16.16 11.56 -41.64
CA ILE A 93 -15.60 10.49 -40.78
C ILE A 93 -16.01 10.62 -39.31
N THR A 94 -16.85 9.74 -38.82
CA THR A 94 -17.21 9.91 -37.42
C THR A 94 -16.43 8.92 -36.53
N THR A 95 -15.80 9.46 -35.50
CA THR A 95 -14.95 8.61 -34.63
C THR A 95 -15.75 8.25 -33.39
N THR A 96 -15.21 7.37 -32.56
CA THR A 96 -15.75 6.98 -31.26
C THR A 96 -15.43 7.94 -30.10
N ILE A 97 -14.59 8.96 -30.33
CA ILE A 97 -14.11 9.87 -29.28
C ILE A 97 -15.14 10.77 -28.64
N ASP A 98 -15.11 10.79 -27.31
CA ASP A 98 -16.01 11.59 -26.52
C ASP A 98 -15.20 12.81 -26.29
N GLN A 99 -15.65 13.92 -26.81
CA GLN A 99 -14.83 15.09 -26.74
C GLN A 99 -14.42 15.49 -25.31
N LYS A 100 -15.40 15.47 -24.42
CA LYS A 100 -15.19 16.01 -23.07
C LYS A 100 -14.25 15.11 -22.22
N ILE A 101 -14.50 13.80 -22.27
CA ILE A 101 -13.61 12.83 -21.67
C ILE A 101 -12.13 13.02 -22.21
N HIS A 102 -12.00 13.07 -23.55
CA HIS A 102 -10.68 13.10 -24.20
C HIS A 102 -9.80 14.28 -23.82
N SER A 103 -10.40 15.48 -23.84
CA SER A 103 -9.72 16.70 -23.32
C SER A 103 -9.45 16.63 -21.82
N ALA A 104 -10.39 16.07 -21.04
CA ALA A 104 -10.11 15.90 -19.61
C ALA A 104 -8.82 15.06 -19.51
N MET A 105 -8.79 13.99 -20.31
CA MET A 105 -7.60 13.14 -20.34
C MET A 105 -6.36 13.91 -20.73
N GLN A 106 -6.50 14.91 -21.63
CA GLN A 106 -5.37 15.71 -22.11
C GLN A 106 -4.86 16.66 -21.06
N SER A 107 -5.80 17.36 -20.42
CA SER A 107 -5.56 18.18 -19.21
C SER A 107 -4.93 17.40 -18.06
N ALA A 108 -5.43 16.19 -17.84
CA ALA A 108 -4.85 15.36 -16.79
C ALA A 108 -3.37 15.06 -17.05
N VAL A 109 -2.99 14.70 -18.28
CA VAL A 109 -1.60 14.38 -18.45
C VAL A 109 -0.74 15.64 -18.42
N ALA A 110 -1.31 16.79 -18.78
CA ALA A 110 -0.55 18.03 -18.69
C ALA A 110 -0.34 18.41 -17.23
N ASP A 111 -1.39 18.25 -16.42
CA ASP A 111 -1.31 18.60 -14.99
C ASP A 111 -0.59 17.62 -14.16
N TYR A 112 -0.75 16.33 -14.47
CA TYR A 112 -0.26 15.29 -13.57
C TYR A 112 0.86 14.40 -14.07
N GLY A 113 1.20 14.53 -15.36
CA GLY A 113 2.27 13.79 -16.04
C GLY A 113 3.56 13.90 -15.23
N TYR A 114 3.83 15.05 -14.60
CA TYR A 114 5.05 15.14 -13.81
C TYR A 114 5.19 14.12 -12.63
N LEU A 115 4.06 13.53 -12.23
CA LEU A 115 4.04 12.58 -11.11
C LEU A 115 4.79 11.35 -11.50
N LEU A 116 5.01 11.19 -12.80
CA LEU A 116 5.62 9.99 -13.24
C LEU A 116 7.09 10.15 -13.24
N ASP A 117 7.64 11.38 -13.24
CA ASP A 117 9.10 11.49 -13.55
C ASP A 117 9.77 10.87 -12.34
N ASP A 118 10.90 10.22 -12.44
CA ASP A 118 11.36 9.58 -11.21
C ASP A 118 12.88 9.60 -11.05
N GLY A 119 13.60 10.41 -11.81
CA GLY A 119 15.01 10.53 -11.62
C GLY A 119 15.68 9.54 -12.52
N THR A 120 14.99 9.11 -13.56
CA THR A 120 15.62 8.28 -14.61
C THR A 120 15.45 8.95 -15.93
N GLY A 121 15.15 10.23 -15.85
CA GLY A 121 14.90 11.00 -17.04
C GLY A 121 13.39 11.17 -17.09
N ARG A 122 12.95 11.80 -18.20
CA ARG A 122 11.55 12.09 -18.48
C ARG A 122 10.77 10.78 -18.93
N VAL A 123 9.78 10.38 -18.13
CA VAL A 123 9.08 9.13 -18.35
C VAL A 123 7.90 9.33 -19.31
N GLU A 124 7.85 8.59 -20.42
CA GLU A 124 6.65 8.64 -21.27
C GLU A 124 5.47 7.78 -20.79
N VAL A 125 4.33 7.96 -21.45
CA VAL A 125 3.09 7.36 -21.00
C VAL A 125 2.11 7.09 -22.13
N GLY A 126 1.36 5.99 -21.99
CA GLY A 126 0.19 5.71 -22.79
C GLY A 126 -1.04 5.15 -22.05
N ASN A 127 -2.21 5.70 -22.37
CA ASN A 127 -3.48 5.28 -21.77
C ASN A 127 -4.52 5.19 -22.86
N VAL A 128 -5.41 4.19 -22.78
CA VAL A 128 -6.59 4.05 -23.66
C VAL A 128 -7.81 3.73 -22.79
N LEU A 129 -8.87 4.52 -22.94
CA LEU A 129 -10.17 4.27 -22.31
C LEU A 129 -11.17 3.59 -23.25
N MET A 130 -11.66 2.39 -22.90
CA MET A 130 -12.47 1.63 -23.83
C MET A 130 -13.83 1.29 -23.20
N ASP A 131 -14.92 1.43 -23.95
CA ASP A 131 -16.27 1.05 -23.53
C ASP A 131 -16.28 -0.45 -23.51
N ASN A 132 -16.55 -1.06 -22.38
CA ASN A 132 -16.44 -2.55 -22.35
C ASN A 132 -17.53 -3.25 -23.15
N GLN A 133 -18.66 -2.59 -23.45
CA GLN A 133 -19.71 -3.34 -24.25
C GLN A 133 -19.61 -3.23 -25.79
N THR A 134 -18.83 -2.27 -26.30
CA THR A 134 -18.74 -2.09 -27.69
C THR A 134 -17.30 -2.20 -28.24
N GLY A 135 -16.29 -2.11 -27.37
CA GLY A 135 -14.92 -1.92 -27.82
C GLY A 135 -14.57 -0.56 -28.40
N ALA A 136 -15.48 0.39 -28.33
CA ALA A 136 -15.19 1.77 -28.75
C ALA A 136 -14.21 2.43 -27.79
N ILE A 137 -13.37 3.31 -28.34
CA ILE A 137 -12.36 3.98 -27.58
C ILE A 137 -12.78 5.43 -27.34
N LEU A 138 -13.01 5.77 -26.08
CA LEU A 138 -13.64 7.02 -25.76
C LEU A 138 -12.63 8.12 -25.76
N GLY A 139 -11.36 7.80 -25.47
CA GLY A 139 -10.32 8.78 -25.32
C GLY A 139 -9.00 8.10 -25.00
N PHE A 140 -7.90 8.87 -25.04
CA PHE A 140 -6.58 8.27 -24.87
C PHE A 140 -5.51 9.28 -24.53
N VAL A 141 -4.38 8.76 -24.07
CA VAL A 141 -3.27 9.66 -23.88
C VAL A 141 -2.15 9.13 -24.80
N GLY A 142 -1.61 9.99 -25.67
CA GLY A 142 -0.57 9.60 -26.61
C GLY A 142 0.81 9.72 -26.03
N GLY A 143 0.95 10.59 -25.03
CA GLY A 143 2.31 10.84 -24.51
C GLY A 143 2.29 12.04 -23.62
N ARG A 144 3.44 12.39 -23.07
CA ARG A 144 3.56 13.57 -22.18
C ARG A 144 3.23 14.92 -22.79
N ASN A 145 3.63 15.09 -24.05
CA ASN A 145 3.49 16.38 -24.73
C ASN A 145 3.88 16.26 -26.20
N TYR A 146 2.85 16.14 -27.07
CA TYR A 146 3.02 16.08 -28.51
C TYR A 146 4.04 17.03 -29.16
N GLN A 147 4.05 18.31 -28.73
CA GLN A 147 4.98 19.30 -29.26
C GLN A 147 6.44 18.92 -28.89
N GLU A 148 6.65 18.11 -27.84
CA GLU A 148 8.05 17.76 -27.54
C GLU A 148 8.48 16.45 -28.12
N ASN A 149 7.52 15.53 -28.22
CA ASN A 149 7.76 14.17 -28.68
C ASN A 149 6.47 13.61 -29.24
N GLN A 150 6.53 13.15 -30.50
CA GLN A 150 5.39 12.86 -31.35
C GLN A 150 5.09 11.38 -31.47
N ASN A 151 5.96 10.53 -30.91
CA ASN A 151 5.58 9.11 -30.84
C ASN A 151 4.29 8.87 -30.07
N ASN A 152 3.42 8.07 -30.67
CA ASN A 152 2.16 7.77 -30.05
C ASN A 152 2.20 6.45 -29.28
N HIS A 153 2.25 6.61 -27.96
CA HIS A 153 2.43 5.52 -26.99
C HIS A 153 1.19 4.77 -26.65
N ALA A 154 0.05 5.28 -27.13
CA ALA A 154 -1.22 4.57 -27.02
C ALA A 154 -1.41 3.61 -28.17
N PHE A 155 -1.05 4.04 -29.39
CA PHE A 155 -1.36 3.22 -30.57
C PHE A 155 -0.19 2.56 -31.32
N ASP A 156 1.04 3.02 -31.11
CA ASP A 156 2.23 2.62 -31.95
C ASP A 156 3.33 1.90 -31.16
N THR A 157 3.68 2.42 -29.99
CA THR A 157 4.61 1.76 -29.11
C THR A 157 4.18 0.27 -28.89
N LYS A 158 5.14 -0.68 -28.94
CA LYS A 158 4.90 -2.08 -28.59
C LYS A 158 5.91 -2.43 -27.51
N ARG A 159 5.46 -2.91 -26.33
CA ARG A 159 6.39 -3.36 -25.28
C ARG A 159 5.82 -4.60 -24.65
N SER A 160 6.65 -5.48 -24.11
CA SER A 160 6.13 -6.61 -23.36
C SER A 160 5.15 -6.18 -22.26
N PRO A 161 4.00 -6.84 -22.19
CA PRO A 161 3.07 -6.54 -21.12
C PRO A 161 3.43 -7.28 -19.80
N ALA A 162 4.55 -8.01 -19.80
CA ALA A 162 5.03 -8.65 -18.53
C ALA A 162 4.01 -9.48 -17.76
N SER A 163 3.97 -9.36 -16.43
CA SER A 163 2.90 -9.94 -15.64
C SER A 163 1.48 -9.93 -16.15
N THR A 164 0.89 -8.94 -16.52
CA THR A 164 -0.33 -8.47 -17.23
C THR A 164 -0.70 -9.56 -18.23
N THR A 165 0.23 -10.41 -18.61
CA THR A 165 -0.15 -11.45 -19.51
C THR A 165 -0.69 -12.71 -18.78
N LYS A 166 -0.31 -12.92 -17.51
CA LYS A 166 -0.75 -14.10 -16.72
C LYS A 166 -2.26 -14.36 -16.65
N PRO A 167 -3.08 -13.32 -16.35
CA PRO A 167 -4.49 -13.56 -16.28
C PRO A 167 -5.05 -14.04 -17.63
N LEU A 168 -4.46 -13.52 -18.72
CA LEU A 168 -5.06 -13.89 -20.02
C LEU A 168 -4.60 -15.24 -20.61
N LEU A 169 -3.32 -15.49 -20.54
CA LEU A 169 -2.75 -16.59 -21.28
C LEU A 169 -2.46 -17.82 -20.40
N ALA A 170 -2.35 -17.61 -19.10
CA ALA A 170 -2.05 -18.71 -18.14
C ALA A 170 -3.34 -19.05 -17.38
N TYR A 171 -3.68 -18.22 -16.40
CA TYR A 171 -4.70 -18.59 -15.49
C TYR A 171 -6.10 -18.57 -16.11
N GLY A 172 -6.48 -17.57 -16.85
CA GLY A 172 -7.80 -17.62 -17.44
C GLY A 172 -8.01 -18.84 -18.34
N ILE A 173 -7.04 -19.13 -19.22
CA ILE A 173 -7.11 -20.34 -20.05
C ILE A 173 -7.24 -21.61 -19.20
N ALA A 174 -6.34 -21.84 -18.24
CA ALA A 174 -6.43 -23.06 -17.42
C ALA A 174 -7.82 -23.24 -16.70
N ILE A 175 -8.34 -22.16 -16.14
CA ILE A 175 -9.65 -22.23 -15.51
C ILE A 175 -10.71 -22.56 -16.54
N ASP A 176 -10.70 -21.86 -17.69
CA ASP A 176 -11.67 -22.10 -18.79
C ASP A 176 -11.65 -23.56 -19.30
N GLN A 177 -10.50 -24.22 -19.25
CA GLN A 177 -10.36 -25.62 -19.72
C GLN A 177 -10.63 -26.65 -18.63
N GLY A 178 -10.97 -26.21 -17.42
CA GLY A 178 -11.34 -27.11 -16.35
C GLY A 178 -10.13 -27.60 -15.57
N LEU A 179 -9.00 -26.91 -15.70
CA LEU A 179 -7.75 -27.44 -15.14
C LEU A 179 -7.43 -26.79 -13.83
N MET A 180 -8.18 -25.74 -13.46
CA MET A 180 -8.05 -25.15 -12.12
C MET A 180 -9.27 -24.29 -11.76
N GLY A 181 -9.40 -23.99 -10.45
CA GLY A 181 -10.40 -23.06 -9.87
C GLY A 181 -9.76 -22.03 -8.94
N SER A 182 -10.59 -21.14 -8.39
CA SER A 182 -10.20 -19.92 -7.63
C SER A 182 -9.24 -20.16 -6.46
N GLU A 183 -9.26 -21.38 -5.87
CA GLU A 183 -8.36 -21.68 -4.73
C GLU A 183 -7.48 -22.89 -4.97
N THR A 184 -7.41 -23.35 -6.21
CA THR A 184 -6.34 -24.27 -6.61
C THR A 184 -4.97 -23.77 -6.09
N ILE A 185 -4.11 -24.71 -5.77
CA ILE A 185 -2.80 -24.49 -5.22
C ILE A 185 -1.82 -24.68 -6.36
N LEU A 186 -0.74 -23.91 -6.32
CA LEU A 186 0.28 -23.87 -7.32
C LEU A 186 1.59 -23.81 -6.58
N SER A 187 2.62 -24.36 -7.23
CA SER A 187 3.93 -24.43 -6.65
C SER A 187 4.70 -23.18 -7.00
N ASN A 188 5.38 -22.61 -5.99
CA ASN A 188 6.32 -21.48 -6.19
C ASN A 188 7.65 -21.87 -5.54
N TYR A 189 7.89 -23.18 -5.49
CA TYR A 189 9.18 -23.75 -5.02
C TYR A 189 10.21 -23.40 -6.06
N PRO A 190 11.48 -23.16 -5.66
CA PRO A 190 12.49 -22.84 -6.66
C PRO A 190 12.53 -23.86 -7.78
N THR A 191 12.68 -23.39 -9.03
CA THR A 191 12.87 -24.29 -10.14
C THR A 191 13.70 -23.63 -11.26
N ASN A 192 14.15 -24.47 -12.16
CA ASN A 192 14.99 -23.94 -13.21
C ASN A 192 14.39 -24.01 -14.58
N PHE A 193 14.72 -23.00 -15.38
CA PHE A 193 14.57 -23.11 -16.83
C PHE A 193 15.34 -24.36 -17.31
N ALA A 194 15.01 -24.81 -18.53
CA ALA A 194 15.73 -25.90 -19.20
C ALA A 194 17.24 -25.70 -19.33
N ASN A 195 17.70 -24.48 -19.48
CA ASN A 195 19.12 -24.26 -19.48
C ASN A 195 19.77 -24.27 -18.09
N GLY A 196 19.04 -24.66 -17.04
CA GLY A 196 19.66 -24.59 -15.70
C GLY A 196 19.62 -23.27 -14.90
N ASN A 197 19.37 -22.12 -15.53
CA ASN A 197 19.08 -20.92 -14.76
C ASN A 197 17.78 -20.98 -13.97
N PRO A 198 17.79 -20.44 -12.77
CA PRO A 198 16.61 -20.45 -11.91
C PRO A 198 15.57 -19.40 -12.32
N ILE A 199 14.28 -19.78 -12.21
CA ILE A 199 13.22 -18.80 -12.34
C ILE A 199 13.17 -17.83 -11.13
N MET A 200 13.46 -16.57 -11.41
CA MET A 200 13.53 -15.45 -10.42
C MET A 200 12.23 -14.60 -10.31
N TYR A 201 12.00 -14.02 -9.14
CA TYR A 201 11.05 -12.94 -8.99
C TYR A 201 11.73 -11.95 -8.03
N ALA A 202 11.98 -10.72 -8.53
CA ALA A 202 12.88 -9.77 -7.82
C ALA A 202 14.15 -10.54 -7.62
N ASN A 203 14.51 -10.73 -6.36
CA ASN A 203 15.77 -11.36 -5.98
C ASN A 203 15.52 -12.65 -5.28
N SER A 204 14.28 -13.12 -5.36
CA SER A 204 13.85 -14.35 -4.71
C SER A 204 13.80 -15.51 -5.69
N LYS A 205 14.47 -16.59 -5.30
CA LYS A 205 14.36 -17.85 -6.00
C LYS A 205 13.02 -18.50 -5.80
N GLY A 206 12.15 -17.93 -4.98
CA GLY A 206 10.86 -18.57 -4.61
C GLY A 206 10.58 -19.07 -3.19
N THR A 207 9.37 -19.57 -2.95
CA THR A 207 8.91 -19.99 -1.61
C THR A 207 8.42 -21.46 -1.65
N GLY A 208 7.13 -21.67 -1.51
CA GLY A 208 6.56 -23.05 -1.45
C GLY A 208 5.25 -23.04 -2.19
N MET A 209 4.31 -23.87 -1.75
CA MET A 209 2.93 -23.91 -2.29
C MET A 209 2.16 -22.64 -2.01
N MET A 210 1.14 -22.27 -2.77
CA MET A 210 0.36 -21.05 -2.46
C MET A 210 -0.93 -21.06 -3.24
N THR A 211 -1.91 -20.28 -2.86
CA THR A 211 -3.11 -20.30 -3.69
C THR A 211 -2.96 -19.48 -4.99
N LEU A 212 -3.93 -19.61 -5.88
CA LEU A 212 -3.98 -18.76 -7.08
C LEU A 212 -4.14 -17.29 -6.70
N GLY A 213 -4.95 -17.00 -5.66
CA GLY A 213 -5.18 -15.62 -5.19
C GLY A 213 -3.88 -14.94 -4.80
N GLU A 214 -3.02 -15.68 -4.10
CA GLU A 214 -1.79 -15.08 -3.62
C GLU A 214 -0.73 -15.00 -4.76
N ALA A 215 -0.73 -15.99 -5.64
CA ALA A 215 0.12 -15.99 -6.81
C ALA A 215 -0.23 -14.74 -7.63
N LEU A 216 -1.51 -14.46 -7.82
CA LEU A 216 -1.95 -13.26 -8.55
C LEU A 216 -1.67 -11.94 -7.86
N ASN A 217 -1.86 -11.89 -6.54
CA ASN A 217 -1.74 -10.60 -5.82
C ASN A 217 -0.27 -10.17 -5.75
N TYR A 218 0.63 -11.11 -5.47
CA TYR A 218 2.04 -10.84 -5.41
C TYR A 218 2.68 -10.93 -6.76
N SER A 219 1.99 -11.54 -7.71
CA SER A 219 2.50 -11.63 -9.06
C SER A 219 3.68 -12.56 -9.22
N TRP A 220 3.74 -13.68 -8.50
CA TRP A 220 4.90 -14.56 -8.61
C TRP A 220 5.09 -15.12 -10.03
N ASN A 221 6.25 -15.65 -10.33
CA ASN A 221 6.50 -16.06 -11.68
C ASN A 221 6.43 -17.57 -11.87
N ILE A 222 6.91 -18.33 -10.86
CA ILE A 222 7.03 -19.74 -11.03
C ILE A 222 5.65 -20.39 -11.26
N PRO A 223 4.61 -20.04 -10.44
CA PRO A 223 3.27 -20.53 -10.74
C PRO A 223 2.77 -20.30 -12.19
N ALA A 224 3.12 -19.18 -12.81
CA ALA A 224 2.62 -18.91 -14.15
C ALA A 224 3.31 -19.85 -15.11
N TYR A 225 4.63 -19.96 -14.96
CA TYR A 225 5.46 -20.96 -15.69
C TYR A 225 4.86 -22.38 -15.64
N TRP A 226 4.45 -22.90 -14.47
CA TRP A 226 3.88 -24.23 -14.42
C TRP A 226 2.53 -24.27 -15.12
N THR A 227 1.74 -23.20 -15.00
CA THR A 227 0.41 -23.21 -15.64
C THR A 227 0.60 -23.33 -17.12
N TYR A 228 1.45 -22.51 -17.71
CA TYR A 228 1.61 -22.59 -19.14
C TYR A 228 2.10 -24.00 -19.58
N ARG A 229 3.10 -24.52 -18.86
CA ARG A 229 3.61 -25.84 -19.13
C ARG A 229 2.52 -26.90 -19.09
N MET A 230 1.67 -26.88 -18.05
CA MET A 230 0.51 -27.72 -18.06
C MET A 230 -0.37 -27.56 -19.28
N LEU A 231 -0.59 -26.36 -19.78
CA LEU A 231 -1.44 -26.19 -20.97
C LEU A 231 -0.74 -26.76 -22.19
N ARG A 232 0.56 -26.58 -22.30
CA ARG A 232 1.25 -27.31 -23.35
C ARG A 232 1.04 -28.84 -23.19
N GLU A 233 1.20 -29.37 -21.97
CA GLU A 233 1.02 -30.81 -21.70
C GLU A 233 -0.38 -31.33 -22.00
N ASN A 234 -1.42 -30.49 -21.92
CA ASN A 234 -2.75 -30.99 -22.29
C ASN A 234 -3.15 -30.64 -23.74
N GLY A 235 -2.16 -30.23 -24.56
CA GLY A 235 -2.37 -29.70 -25.90
C GLY A 235 -3.42 -28.56 -26.00
N VAL A 236 -3.55 -27.69 -25.02
CA VAL A 236 -4.53 -26.63 -25.15
C VAL A 236 -4.19 -25.67 -26.30
N ASP A 237 -5.21 -25.30 -27.06
CA ASP A 237 -5.01 -24.36 -28.19
C ASP A 237 -4.97 -22.87 -27.74
N VAL A 238 -3.83 -22.51 -27.11
CA VAL A 238 -3.70 -21.22 -26.48
C VAL A 238 -3.74 -20.09 -27.54
N LYS A 239 -3.07 -20.39 -28.67
CA LYS A 239 -2.97 -19.47 -29.80
C LYS A 239 -4.37 -19.03 -30.25
N GLY A 240 -5.31 -19.99 -30.23
CA GLY A 240 -6.71 -19.79 -30.62
C GLY A 240 -7.38 -18.77 -29.72
N TYR A 241 -7.17 -18.91 -28.39
CA TYR A 241 -7.64 -17.90 -27.41
C TYR A 241 -7.03 -16.52 -27.64
N MET A 242 -5.67 -16.43 -27.70
CA MET A 242 -5.00 -15.14 -28.02
C MET A 242 -5.43 -14.55 -29.37
N GLU A 243 -5.59 -15.40 -30.39
CA GLU A 243 -5.94 -14.81 -31.70
C GLU A 243 -7.34 -14.23 -31.74
N LYS A 244 -8.29 -14.81 -30.99
CA LYS A 244 -9.61 -14.23 -30.93
C LYS A 244 -9.66 -12.86 -30.30
N MET A 245 -8.63 -12.49 -29.53
CA MET A 245 -8.53 -11.15 -28.98
C MET A 245 -7.68 -10.25 -29.82
N GLY A 246 -7.19 -10.79 -30.94
CA GLY A 246 -6.44 -10.01 -31.91
C GLY A 246 -4.97 -9.86 -31.54
N TYR A 247 -4.45 -10.78 -30.70
CA TYR A 247 -3.05 -10.74 -30.31
C TYR A 247 -2.20 -11.43 -31.33
N GLU A 248 -1.08 -10.80 -31.68
CA GLU A 248 -0.07 -11.35 -32.58
C GLU A 248 1.21 -11.79 -31.88
N ILE A 249 1.34 -13.07 -31.65
CA ILE A 249 2.51 -13.67 -31.00
C ILE A 249 3.19 -14.68 -31.96
N PRO A 250 4.39 -14.32 -32.45
CA PRO A 250 5.09 -15.11 -33.49
C PRO A 250 5.46 -16.47 -33.00
N GLU A 251 5.64 -16.64 -31.69
CA GLU A 251 6.14 -17.94 -31.27
C GLU A 251 5.67 -18.31 -29.88
N TYR A 252 4.97 -19.44 -29.75
CA TYR A 252 4.38 -19.84 -28.48
C TYR A 252 5.24 -20.78 -27.70
N GLY A 253 6.36 -21.23 -28.28
CA GLY A 253 7.23 -22.25 -27.64
C GLY A 253 8.35 -21.59 -26.82
N ILE A 254 7.96 -20.82 -25.80
CA ILE A 254 8.86 -20.03 -24.99
C ILE A 254 8.46 -20.23 -23.51
N GLU A 255 9.42 -20.66 -22.71
CA GLU A 255 9.14 -21.00 -21.32
C GLU A 255 8.66 -19.78 -20.53
N SER A 256 9.04 -18.55 -20.92
CA SER A 256 8.67 -17.39 -20.15
C SER A 256 7.50 -16.61 -20.83
N LEU A 257 6.82 -17.28 -21.74
CA LEU A 257 5.72 -16.66 -22.42
C LEU A 257 4.73 -16.09 -21.41
N PRO A 258 4.29 -16.89 -20.41
CA PRO A 258 3.22 -16.28 -19.59
C PRO A 258 3.71 -15.18 -18.68
N MET A 259 5.03 -14.99 -18.54
CA MET A 259 5.58 -13.80 -17.89
C MET A 259 5.70 -12.63 -18.88
N GLY A 260 5.28 -12.86 -20.13
CA GLY A 260 5.42 -11.80 -21.11
C GLY A 260 6.64 -11.82 -22.00
N GLY A 261 7.42 -12.91 -21.96
CA GLY A 261 8.57 -13.00 -22.83
C GLY A 261 8.09 -13.41 -24.21
N GLY A 262 8.68 -12.82 -25.23
CA GLY A 262 8.34 -13.05 -26.60
C GLY A 262 7.02 -12.39 -26.95
N ILE A 263 6.50 -11.44 -26.14
CA ILE A 263 5.27 -10.75 -26.55
C ILE A 263 5.52 -9.28 -26.49
N GLU A 264 5.12 -8.53 -27.50
CA GLU A 264 5.13 -7.09 -27.36
C GLU A 264 3.79 -6.52 -27.83
N VAL A 265 3.17 -5.58 -27.14
CA VAL A 265 1.81 -5.19 -27.54
C VAL A 265 1.62 -3.68 -27.46
N THR A 266 0.70 -3.12 -28.25
CA THR A 266 0.35 -1.72 -28.04
C THR A 266 -0.60 -1.59 -26.80
N VAL A 267 -0.72 -0.39 -26.24
CA VAL A 267 -1.67 -0.14 -25.17
C VAL A 267 -3.08 -0.39 -25.68
N ALA A 268 -3.40 0.08 -26.86
CA ALA A 268 -4.74 -0.10 -27.39
C ALA A 268 -5.10 -1.58 -27.53
N GLN A 269 -4.20 -2.40 -28.04
CA GLN A 269 -4.57 -3.83 -28.24
C GLN A 269 -4.68 -4.54 -26.87
N HIS A 270 -3.88 -4.09 -25.90
CA HIS A 270 -3.85 -4.81 -24.59
C HIS A 270 -5.09 -4.46 -23.73
N THR A 271 -5.50 -3.20 -23.83
CA THR A 271 -6.77 -2.77 -23.31
C THR A 271 -7.87 -3.71 -23.81
N ASN A 272 -7.80 -4.07 -25.08
CA ASN A 272 -8.81 -4.92 -25.68
C ASN A 272 -8.88 -6.26 -24.98
N GLY A 273 -7.74 -6.83 -24.59
CA GLY A 273 -7.75 -8.13 -23.89
C GLY A 273 -8.38 -8.02 -22.48
N TYR A 274 -8.11 -6.92 -21.77
CA TYR A 274 -8.77 -6.72 -20.48
C TYR A 274 -10.25 -6.33 -20.65
N GLN A 275 -10.59 -5.63 -21.74
CA GLN A 275 -12.01 -5.49 -22.13
C GLN A 275 -12.75 -6.85 -22.18
N THR A 276 -12.10 -7.84 -22.72
CA THR A 276 -12.73 -9.11 -22.84
C THR A 276 -12.96 -9.77 -21.46
N LEU A 277 -11.96 -9.76 -20.58
CA LEU A 277 -12.21 -10.30 -19.26
C LEU A 277 -13.30 -9.48 -18.63
N ALA A 278 -13.32 -8.17 -18.83
CA ALA A 278 -14.29 -7.36 -18.09
C ALA A 278 -15.71 -7.56 -18.58
N ASN A 279 -15.86 -7.83 -19.86
CA ASN A 279 -17.17 -7.99 -20.47
C ASN A 279 -17.68 -9.40 -20.39
N ASN A 280 -17.32 -10.08 -19.32
CA ASN A 280 -17.73 -11.47 -19.07
C ASN A 280 -17.27 -12.47 -20.10
N GLY A 281 -16.14 -12.20 -20.70
CA GLY A 281 -15.50 -13.17 -21.56
C GLY A 281 -15.76 -12.90 -23.03
N VAL A 282 -16.52 -11.85 -23.35
CA VAL A 282 -16.98 -11.63 -24.70
C VAL A 282 -16.24 -10.48 -25.25
N TYR A 283 -15.42 -10.70 -26.27
CA TYR A 283 -14.65 -9.64 -26.98
C TYR A 283 -15.40 -8.76 -28.00
N HIS A 284 -15.03 -7.47 -28.03
CA HIS A 284 -15.41 -6.58 -29.08
C HIS A 284 -14.13 -5.88 -29.54
N GLN A 285 -14.04 -5.67 -30.84
CA GLN A 285 -12.81 -5.27 -31.39
C GLN A 285 -12.73 -3.79 -31.26
N LYS A 286 -11.59 -3.34 -30.73
CA LYS A 286 -11.28 -1.98 -30.54
C LYS A 286 -11.45 -1.08 -31.81
N HIS A 287 -11.70 0.21 -31.63
CA HIS A 287 -11.76 1.01 -32.83
C HIS A 287 -12.00 2.43 -32.43
N VAL A 288 -11.39 3.37 -33.16
CA VAL A 288 -11.81 4.75 -33.03
C VAL A 288 -12.65 5.15 -34.26
N ILE A 289 -12.72 4.34 -35.31
CA ILE A 289 -13.58 4.74 -36.41
C ILE A 289 -14.92 4.00 -36.38
N SER A 290 -16.04 4.72 -36.36
CA SER A 290 -17.33 3.98 -36.40
C SER A 290 -17.93 3.99 -37.82
N LYS A 291 -17.72 5.09 -38.57
CA LYS A 291 -18.27 5.24 -39.92
C LYS A 291 -17.50 6.27 -40.80
N ILE A 292 -17.32 5.92 -42.07
CA ILE A 292 -16.90 6.86 -43.17
C ILE A 292 -17.97 6.93 -44.28
N GLU A 293 -18.31 8.17 -44.67
CA GLU A 293 -19.44 8.43 -45.60
C GLU A 293 -19.03 9.32 -46.72
N ALA A 294 -19.36 8.88 -47.93
CA ALA A 294 -18.96 9.53 -49.17
C ALA A 294 -19.73 10.83 -49.28
N ALA A 295 -19.17 11.80 -50.02
CA ALA A 295 -19.83 13.11 -50.31
C ALA A 295 -21.37 13.10 -50.32
N ASP A 296 -21.91 12.04 -50.94
CA ASP A 296 -23.32 11.85 -51.23
C ASP A 296 -23.98 10.82 -50.31
N GLY A 297 -23.37 10.58 -49.15
CA GLY A 297 -24.00 9.79 -48.11
C GLY A 297 -24.03 8.28 -48.24
N ARG A 298 -23.37 7.70 -49.24
CA ARG A 298 -23.17 6.26 -49.10
C ARG A 298 -21.97 5.92 -48.20
N VAL A 299 -22.08 4.74 -47.61
CA VAL A 299 -21.17 4.27 -46.61
C VAL A 299 -19.97 3.56 -47.26
N VAL A 300 -18.76 4.12 -47.18
CA VAL A 300 -17.60 3.34 -47.57
C VAL A 300 -17.24 2.33 -46.50
N TYR A 301 -17.30 2.74 -45.24
CA TYR A 301 -17.01 1.87 -44.13
C TYR A 301 -17.93 2.20 -42.95
N GLU A 302 -18.40 1.15 -42.30
CA GLU A 302 -18.98 1.32 -40.99
C GLU A 302 -18.72 0.13 -40.07
N TYR A 303 -18.43 0.44 -38.81
CA TYR A 303 -18.10 -0.56 -37.82
C TYR A 303 -19.17 -1.65 -37.63
N GLN A 304 -18.73 -2.89 -37.75
CA GLN A 304 -19.64 -3.99 -37.62
C GLN A 304 -19.31 -4.94 -36.42
N ASP A 305 -20.17 -4.80 -35.41
CA ASP A 305 -20.10 -5.57 -34.21
C ASP A 305 -20.04 -7.10 -34.39
N LYS A 306 -18.97 -7.74 -33.95
CA LYS A 306 -18.83 -9.16 -34.06
C LYS A 306 -18.36 -9.69 -32.70
N PRO A 307 -19.28 -9.83 -31.74
CA PRO A 307 -18.86 -10.32 -30.38
C PRO A 307 -18.42 -11.76 -30.37
N VAL A 308 -17.28 -12.09 -29.74
CA VAL A 308 -16.90 -13.52 -29.63
C VAL A 308 -16.65 -14.00 -28.20
N GLN A 309 -17.27 -15.11 -27.85
CA GLN A 309 -17.12 -15.67 -26.51
C GLN A 309 -15.70 -16.28 -26.50
N VAL A 310 -14.74 -15.57 -25.92
CA VAL A 310 -13.38 -16.07 -25.84
C VAL A 310 -13.19 -16.91 -24.57
N TYR A 311 -13.75 -16.44 -23.46
CA TYR A 311 -13.69 -17.18 -22.22
C TYR A 311 -15.14 -17.52 -21.83
N SER A 312 -15.41 -18.64 -21.18
CA SER A 312 -16.82 -18.83 -20.68
C SER A 312 -17.15 -17.75 -19.71
N LYS A 313 -18.44 -17.45 -19.57
CA LYS A 313 -18.87 -16.48 -18.54
C LYS A 313 -18.45 -16.88 -17.14
N ALA A 314 -18.38 -18.17 -16.88
CA ALA A 314 -17.92 -18.63 -15.58
C ALA A 314 -16.44 -18.28 -15.33
N THR A 315 -15.59 -18.63 -16.29
CA THR A 315 -14.19 -18.22 -16.31
C THR A 315 -14.00 -16.68 -16.08
N ALA A 316 -14.62 -15.87 -16.91
CA ALA A 316 -14.27 -14.47 -16.81
C ALA A 316 -14.76 -13.94 -15.51
N THR A 317 -15.97 -14.31 -15.06
CA THR A 317 -16.46 -13.78 -13.75
C THR A 317 -15.66 -14.33 -12.55
N ILE A 318 -15.10 -15.53 -12.65
CA ILE A 318 -14.18 -15.98 -11.61
C ILE A 318 -12.91 -15.11 -11.67
N MET A 319 -12.41 -14.83 -12.88
CA MET A 319 -11.23 -13.95 -13.02
C MET A 319 -11.46 -12.55 -12.41
N GLN A 320 -12.64 -11.98 -12.69
CA GLN A 320 -13.03 -10.68 -12.11
C GLN A 320 -12.89 -10.68 -10.57
N GLY A 321 -13.35 -11.75 -9.92
CA GLY A 321 -13.28 -11.79 -8.47
C GLY A 321 -11.86 -11.85 -8.01
N LEU A 322 -11.00 -12.55 -8.76
CA LEU A 322 -9.58 -12.59 -8.43
C LEU A 322 -8.90 -11.22 -8.66
N LEU A 323 -9.19 -10.60 -9.80
CA LEU A 323 -8.56 -9.33 -10.12
C LEU A 323 -9.09 -8.20 -9.25
N ARG A 324 -10.19 -8.44 -8.55
CA ARG A 324 -10.65 -7.48 -7.53
C ARG A 324 -9.73 -7.41 -6.36
N GLU A 325 -9.16 -8.53 -6.02
CA GLU A 325 -8.27 -8.59 -4.86
C GLU A 325 -6.81 -8.19 -5.13
N VAL A 326 -6.37 -8.38 -6.37
CA VAL A 326 -5.13 -7.84 -6.79
C VAL A 326 -5.06 -6.36 -6.45
N LEU A 327 -6.09 -5.58 -6.76
CA LEU A 327 -6.08 -4.15 -6.41
C LEU A 327 -6.29 -3.89 -4.90
N SER A 328 -7.29 -4.50 -4.30
CA SER A 328 -7.58 -4.20 -2.90
C SER A 328 -6.61 -4.86 -1.99
N SER A 329 -5.92 -5.94 -2.37
CA SER A 329 -4.76 -6.33 -1.53
C SER A 329 -3.64 -5.30 -1.59
N ARG A 330 -3.57 -4.46 -2.63
CA ARG A 330 -2.47 -3.46 -2.68
C ARG A 330 -1.00 -4.01 -2.63
N VAL A 331 -0.78 -5.27 -3.00
CA VAL A 331 0.62 -5.77 -2.92
C VAL A 331 1.45 -5.08 -4.02
N THR A 332 0.94 -5.08 -5.26
CA THR A 332 1.76 -4.51 -6.38
C THR A 332 1.32 -3.11 -6.84
N THR A 333 0.23 -2.57 -6.30
CA THR A 333 -0.14 -1.23 -6.65
C THR A 333 -0.78 -0.49 -5.48
N THR A 334 -0.51 0.81 -5.37
CA THR A 334 -1.06 1.57 -4.25
C THR A 334 -2.32 2.26 -4.77
N PHE A 335 -2.75 1.86 -5.96
CA PHE A 335 -3.81 2.56 -6.68
C PHE A 335 -5.11 2.81 -5.85
N LYS A 336 -5.62 1.80 -5.17
CA LYS A 336 -6.87 1.98 -4.40
C LYS A 336 -6.68 2.97 -3.29
N SER A 337 -5.51 3.02 -2.65
CA SER A 337 -5.22 4.11 -1.67
C SER A 337 -5.21 5.52 -2.30
N ASN A 338 -4.49 5.69 -3.42
CA ASN A 338 -4.46 6.96 -4.08
C ASN A 338 -5.87 7.43 -4.45
N LEU A 339 -6.62 6.53 -5.09
CA LEU A 339 -7.94 6.89 -5.54
C LEU A 339 -8.78 7.28 -4.31
N THR A 340 -8.62 6.53 -3.21
CA THR A 340 -9.40 6.81 -2.01
C THR A 340 -9.11 8.22 -1.52
N SER A 341 -7.88 8.72 -1.58
CA SER A 341 -7.64 10.10 -1.20
C SER A 341 -8.10 11.21 -2.15
N LEU A 342 -8.10 10.90 -3.45
CA LEU A 342 -8.68 11.83 -4.37
C LEU A 342 -10.21 11.84 -4.35
N ASN A 343 -10.84 10.67 -4.24
CA ASN A 343 -12.30 10.61 -4.41
C ASN A 343 -12.85 9.31 -3.86
N PRO A 344 -13.25 9.36 -2.56
CA PRO A 344 -13.73 8.25 -1.76
C PRO A 344 -14.90 7.56 -2.44
N THR A 345 -15.81 8.30 -3.03
CA THR A 345 -16.96 7.72 -3.79
C THR A 345 -16.55 6.96 -5.03
N LEU A 346 -15.66 7.56 -5.80
CA LEU A 346 -15.22 6.91 -7.00
C LEU A 346 -14.43 5.66 -6.58
N ALA A 347 -13.80 5.67 -5.42
CA ALA A 347 -13.02 4.49 -5.08
C ALA A 347 -13.93 3.30 -4.77
N ASN A 348 -15.20 3.57 -4.47
CA ASN A 348 -16.08 2.50 -4.12
C ASN A 348 -16.71 1.88 -5.34
N ALA A 349 -16.36 2.34 -6.57
CA ALA A 349 -16.78 1.59 -7.73
C ALA A 349 -16.10 0.22 -7.66
N ASP A 350 -16.49 -0.68 -8.54
CA ASP A 350 -16.06 -2.03 -8.29
C ASP A 350 -14.79 -2.23 -9.12
N TRP A 351 -13.64 -1.69 -8.71
CA TRP A 351 -12.49 -1.74 -9.63
C TRP A 351 -11.77 -3.14 -9.68
N ILE A 352 -11.38 -3.64 -10.86
CA ILE A 352 -10.52 -4.82 -10.91
C ILE A 352 -9.39 -4.45 -11.83
N GLY A 353 -8.30 -5.20 -11.79
CA GLY A 353 -7.04 -4.70 -12.40
C GLY A 353 -5.85 -5.65 -12.18
N LYS A 354 -4.76 -5.43 -12.94
CA LYS A 354 -3.52 -6.21 -12.81
C LYS A 354 -2.33 -5.30 -13.13
N THR A 355 -1.24 -5.50 -12.37
CA THR A 355 -0.03 -4.76 -12.79
C THR A 355 0.92 -5.62 -13.59
N GLY A 356 1.91 -5.00 -14.21
CA GLY A 356 3.03 -5.79 -14.74
C GLY A 356 4.28 -4.97 -14.75
N THR A 357 5.42 -5.67 -14.63
CA THR A 357 6.76 -5.07 -14.59
C THR A 357 7.78 -5.89 -15.40
N THR A 358 8.52 -5.25 -16.30
CA THR A 358 9.52 -6.05 -17.05
C THR A 358 10.73 -6.29 -16.15
N ASN A 359 11.43 -7.38 -16.52
N ASN A 359 11.43 -7.43 -16.28
CA ASN A 359 12.75 -7.69 -16.02
CA ASN A 359 12.53 -7.73 -15.30
C ASN A 359 13.42 -6.35 -16.00
C ASN A 359 13.79 -7.01 -15.74
N GLN A 360 14.16 -6.01 -14.96
CA GLN A 360 15.00 -4.81 -15.24
C GLN A 360 14.17 -3.50 -15.28
N ASP A 361 12.85 -3.58 -15.13
CA ASP A 361 12.08 -2.37 -14.86
C ASP A 361 12.10 -1.40 -16.04
N GLU A 362 12.02 -1.88 -17.27
CA GLU A 362 11.90 -0.92 -18.34
C GLU A 362 10.45 -0.55 -18.73
N ASN A 363 9.47 -1.35 -18.33
CA ASN A 363 8.09 -1.07 -18.66
C ASN A 363 7.23 -1.37 -17.47
N MET A 364 6.34 -0.46 -17.09
CA MET A 364 5.30 -0.77 -16.08
C MET A 364 3.90 -0.69 -16.68
N TRP A 365 3.00 -1.51 -16.15
CA TRP A 365 1.63 -1.55 -16.71
C TRP A 365 0.64 -1.63 -15.58
N LEU A 366 -0.45 -0.87 -15.71
CA LEU A 366 -1.57 -0.95 -14.83
C LEU A 366 -2.83 -0.94 -15.68
N MET A 367 -3.58 -2.04 -15.60
CA MET A 367 -4.82 -2.21 -16.35
C MET A 367 -5.96 -2.18 -15.32
N LEU A 368 -6.99 -1.39 -15.59
CA LEU A 368 -8.08 -1.22 -14.63
C LEU A 368 -9.41 -1.34 -15.36
N SER A 369 -10.41 -1.88 -14.65
CA SER A 369 -11.80 -1.91 -15.12
C SER A 369 -12.88 -1.70 -14.01
N THR A 370 -14.01 -1.09 -14.40
CA THR A 370 -15.28 -1.29 -13.74
C THR A 370 -16.09 -2.08 -14.74
N PRO A 371 -17.29 -2.52 -14.39
CA PRO A 371 -18.09 -3.20 -15.45
C PRO A 371 -18.31 -2.44 -16.75
N ARG A 372 -18.41 -1.13 -16.71
CA ARG A 372 -18.64 -0.43 -17.94
C ARG A 372 -17.33 -0.16 -18.77
N LEU A 373 -16.22 0.23 -18.11
CA LEU A 373 -14.99 0.71 -18.83
C LEU A 373 -13.74 -0.05 -18.45
N THR A 374 -12.85 -0.16 -19.44
CA THR A 374 -11.46 -0.52 -19.17
C THR A 374 -10.51 0.65 -19.46
N LEU A 375 -9.53 0.81 -18.58
CA LEU A 375 -8.49 1.79 -18.77
C LEU A 375 -7.12 1.09 -18.67
N GLY A 376 -6.37 1.12 -19.78
CA GLY A 376 -5.05 0.52 -19.85
C GLY A 376 -4.01 1.58 -19.64
N GLY A 377 -2.87 1.23 -19.06
CA GLY A 377 -1.83 2.25 -18.91
C GLY A 377 -0.47 1.62 -19.00
N TRP A 378 0.41 2.24 -19.79
CA TRP A 378 1.83 1.92 -19.82
C TRP A 378 2.71 3.14 -19.45
N ILE A 379 3.82 2.91 -18.75
CA ILE A 379 4.90 3.93 -18.71
C ILE A 379 6.23 3.29 -18.95
N GLY A 380 7.17 4.15 -19.37
CA GLY A 380 8.53 3.76 -19.78
C GLY A 380 9.37 4.82 -20.54
N HIS A 381 10.54 4.41 -20.97
CA HIS A 381 11.36 5.30 -21.75
C HIS A 381 11.37 4.87 -23.19
N ASP A 382 11.39 5.85 -24.10
CA ASP A 382 11.53 5.55 -25.57
C ASP A 382 12.76 4.71 -25.92
N ASP A 383 13.90 4.84 -25.26
CA ASP A 383 15.02 3.94 -25.62
C ASP A 383 15.16 2.74 -24.72
N ASN A 384 14.14 2.48 -23.90
N ASN A 384 14.10 2.41 -23.97
CA ASN A 384 14.04 1.21 -23.20
CA ASN A 384 13.99 1.17 -23.14
C ASN A 384 14.85 1.14 -21.92
C ASN A 384 14.96 1.10 -21.96
N HIS A 385 15.50 2.22 -21.50
CA HIS A 385 16.31 2.09 -20.29
C HIS A 385 15.40 1.93 -19.08
N SER A 386 15.93 1.39 -17.97
CA SER A 386 15.21 1.25 -16.72
C SER A 386 14.51 2.47 -16.06
N LEU A 387 13.29 2.26 -15.54
CA LEU A 387 12.64 3.15 -14.58
C LEU A 387 13.13 2.82 -13.20
N SER A 388 12.76 3.61 -12.21
CA SER A 388 13.12 3.31 -10.85
C SER A 388 12.31 2.15 -10.32
N GLN A 389 12.71 1.58 -9.20
CA GLN A 389 12.03 0.40 -8.63
C GLN A 389 10.49 0.58 -8.37
N GLN A 390 10.09 1.73 -7.87
CA GLN A 390 8.71 1.96 -7.49
C GLN A 390 7.84 2.60 -8.55
N ALA A 391 8.35 2.70 -9.79
CA ALA A 391 7.69 3.53 -10.79
C ALA A 391 6.26 3.06 -11.10
N GLY A 392 6.07 1.73 -11.09
CA GLY A 392 4.75 1.11 -11.29
C GLY A 392 3.88 0.96 -10.06
N TYR A 393 4.52 0.49 -9.00
CA TYR A 393 3.93 0.40 -7.66
C TYR A 393 3.27 1.71 -7.20
N SER A 394 4.05 2.75 -7.15
CA SER A 394 3.59 4.04 -6.65
C SER A 394 3.27 5.10 -7.75
N ASN A 395 4.25 5.52 -8.54
CA ASN A 395 4.02 6.57 -9.56
C ASN A 395 2.88 6.41 -10.58
N ASN A 396 2.95 5.34 -11.34
CA ASN A 396 1.93 5.15 -12.32
C ASN A 396 0.58 4.92 -11.60
N SER A 397 0.59 4.18 -10.49
CA SER A 397 -0.70 4.03 -9.70
C SER A 397 -1.27 5.38 -9.32
N ASN A 398 -0.39 6.31 -8.95
CA ASN A 398 -0.89 7.57 -8.40
C ASN A 398 -1.45 8.38 -9.58
N TYR A 399 -0.70 8.33 -10.68
CA TYR A 399 -0.97 9.10 -11.88
C TYR A 399 -2.26 8.53 -12.46
N MET A 400 -2.38 7.20 -12.54
CA MET A 400 -3.63 6.67 -13.00
C MET A 400 -4.80 7.05 -12.10
N ALA A 401 -4.59 7.19 -10.77
CA ALA A 401 -5.73 7.57 -9.94
C ALA A 401 -6.17 8.95 -10.28
N HIS A 402 -5.25 9.84 -10.62
CA HIS A 402 -5.63 11.19 -11.07
C HIS A 402 -6.39 11.17 -12.42
N LEU A 403 -6.03 10.26 -13.33
CA LEU A 403 -6.55 10.30 -14.68
C LEU A 403 -8.01 9.83 -14.56
N VAL A 404 -8.14 8.78 -13.79
CA VAL A 404 -9.43 8.20 -13.53
C VAL A 404 -10.36 9.32 -12.95
N ASN A 405 -9.79 10.19 -12.10
CA ASN A 405 -10.63 11.14 -11.41
C ASN A 405 -11.04 12.22 -12.39
N ALA A 406 -10.11 12.59 -13.27
CA ALA A 406 -10.42 13.60 -14.33
C ALA A 406 -11.48 13.11 -15.29
N ILE A 407 -11.50 11.81 -15.51
CA ILE A 407 -12.52 11.28 -16.40
C ILE A 407 -13.90 11.48 -15.73
N GLN A 408 -13.97 11.12 -14.43
CA GLN A 408 -15.20 11.23 -13.63
C GLN A 408 -15.68 12.67 -13.61
N GLN A 409 -14.80 13.67 -13.40
CA GLN A 409 -15.25 15.08 -13.31
C GLN A 409 -15.77 15.48 -14.66
N ALA A 410 -15.22 14.95 -15.74
CA ALA A 410 -15.67 15.39 -17.04
C ALA A 410 -16.95 14.68 -17.45
N SER A 411 -17.17 13.46 -17.01
CA SER A 411 -18.41 12.77 -17.38
C SER A 411 -18.90 11.90 -16.22
N PRO A 412 -19.62 12.51 -15.26
CA PRO A 412 -19.94 11.89 -13.96
C PRO A 412 -20.67 10.53 -14.02
N SER A 413 -21.43 10.22 -15.03
CA SER A 413 -21.94 8.84 -14.92
C SER A 413 -21.00 7.73 -15.42
N ILE A 414 -19.86 8.13 -16.03
CA ILE A 414 -19.26 7.24 -17.02
C ILE A 414 -18.69 5.89 -16.53
N TRP A 415 -18.07 5.87 -15.36
CA TRP A 415 -17.47 4.68 -14.84
C TRP A 415 -18.51 3.69 -14.46
N GLY A 416 -19.65 4.20 -13.98
CA GLY A 416 -20.80 3.35 -13.48
C GLY A 416 -20.66 2.81 -12.05
N ASN A 417 -21.75 2.36 -11.42
CA ASN A 417 -21.61 1.82 -10.08
C ASN A 417 -21.91 0.34 -9.97
N GLU A 418 -22.11 -0.30 -11.10
CA GLU A 418 -22.42 -1.71 -11.09
C GLU A 418 -21.30 -2.52 -10.47
N ARG A 419 -21.61 -3.78 -10.16
CA ARG A 419 -20.70 -4.75 -9.59
C ARG A 419 -20.50 -5.84 -10.60
N PHE A 420 -19.29 -6.38 -10.63
CA PHE A 420 -19.02 -7.66 -11.28
C PHE A 420 -19.67 -8.70 -10.36
N ALA A 421 -20.01 -9.86 -10.89
CA ALA A 421 -20.66 -10.92 -10.11
C ALA A 421 -20.54 -12.32 -10.79
N LEU A 422 -20.22 -13.30 -9.98
CA LEU A 422 -20.18 -14.67 -10.39
C LEU A 422 -21.40 -15.05 -11.27
N ASP A 423 -21.17 -15.68 -12.41
CA ASP A 423 -22.26 -16.09 -13.26
C ASP A 423 -22.94 -17.31 -12.59
N PRO A 424 -24.30 -17.38 -12.69
CA PRO A 424 -25.05 -18.57 -12.19
C PRO A 424 -24.39 -19.88 -12.67
N SER A 425 -23.76 -19.84 -13.86
CA SER A 425 -23.11 -21.05 -14.39
C SER A 425 -21.87 -21.59 -13.62
N VAL A 426 -21.43 -20.85 -12.60
CA VAL A 426 -20.17 -21.22 -11.92
C VAL A 426 -20.42 -22.34 -10.95
N VAL A 427 -19.52 -23.32 -10.86
CA VAL A 427 -19.71 -24.40 -9.90
C VAL A 427 -18.99 -24.09 -8.63
N LYS A 428 -19.59 -24.26 -7.47
CA LYS A 428 -18.83 -24.08 -6.23
C LYS A 428 -18.33 -25.39 -5.59
N SER A 429 -17.14 -25.39 -4.96
CA SER A 429 -16.66 -26.60 -4.25
C SER A 429 -16.11 -26.29 -2.87
N GLU A 430 -16.37 -27.17 -1.92
N GLU A 430 -16.42 -27.14 -1.90
CA GLU A 430 -15.67 -27.05 -0.65
CA GLU A 430 -15.70 -27.17 -0.64
C GLU A 430 -14.39 -27.91 -0.67
C GLU A 430 -14.38 -27.93 -0.87
N VAL A 431 -13.24 -27.23 -0.69
CA VAL A 431 -11.95 -27.86 -0.76
C VAL A 431 -11.14 -27.65 0.51
N LEU A 432 -10.14 -28.47 0.75
CA LEU A 432 -9.22 -28.19 1.83
C LEU A 432 -8.44 -26.89 1.48
N LYS A 433 -8.30 -25.95 2.41
CA LYS A 433 -7.51 -24.72 2.20
C LYS A 433 -6.12 -25.09 1.71
N SER A 434 -5.61 -26.21 2.22
CA SER A 434 -4.21 -26.54 2.09
C SER A 434 -3.86 -27.40 0.87
N THR A 435 -4.84 -27.98 0.19
CA THR A 435 -4.57 -28.72 -1.02
C THR A 435 -5.25 -28.09 -2.22
N GLY A 436 -6.21 -27.19 -2.01
CA GLY A 436 -7.09 -26.73 -3.09
C GLY A 436 -8.07 -27.77 -3.61
N GLN A 437 -8.02 -29.00 -3.06
CA GLN A 437 -8.91 -30.11 -3.46
C GLN A 437 -9.86 -30.68 -2.37
N LYS A 438 -10.88 -31.46 -2.82
CA LYS A 438 -11.91 -32.04 -1.94
C LYS A 438 -11.25 -32.92 -0.86
N PRO A 439 -11.74 -32.81 0.41
CA PRO A 439 -11.13 -33.53 1.56
C PRO A 439 -11.35 -35.04 1.35
N GLY A 440 -10.40 -35.87 1.78
CA GLY A 440 -10.43 -37.27 1.40
C GLY A 440 -9.22 -38.12 1.72
N LYS A 441 -9.16 -39.26 1.04
CA LYS A 441 -8.31 -40.38 1.42
C LYS A 441 -7.07 -40.29 0.55
N VAL A 442 -5.90 -40.09 1.13
CA VAL A 442 -4.68 -39.91 0.29
C VAL A 442 -3.44 -40.72 0.70
N SER A 443 -2.80 -41.36 -0.28
CA SER A 443 -1.62 -42.22 -0.04
C SER A 443 -0.28 -41.45 -0.01
N VAL A 444 0.34 -41.43 1.18
CA VAL A 444 1.55 -40.62 1.44
C VAL A 444 2.73 -41.51 1.87
N GLU A 445 3.81 -41.53 1.07
CA GLU A 445 4.99 -42.41 1.33
C GLU A 445 4.63 -43.82 1.89
N GLY A 446 3.69 -44.51 1.25
CA GLY A 446 3.18 -45.80 1.75
C GLY A 446 1.85 -45.73 2.52
N LYS A 447 1.92 -45.24 3.77
CA LYS A 447 0.74 -45.10 4.65
C LYS A 447 -0.33 -44.18 4.01
N GLU A 448 -1.50 -44.75 3.71
CA GLU A 448 -2.67 -43.96 3.37
C GLU A 448 -3.01 -42.98 4.51
N VAL A 449 -3.42 -41.75 4.18
CA VAL A 449 -3.98 -40.87 5.20
C VAL A 449 -5.33 -40.26 4.84
N GLU A 450 -6.08 -40.02 5.92
CA GLU A 450 -7.33 -39.28 5.88
C GLU A 450 -6.96 -37.81 6.01
N VAL A 451 -7.29 -37.03 4.96
CA VAL A 451 -6.97 -35.62 4.93
C VAL A 451 -8.15 -34.71 5.28
N THR A 452 -8.00 -33.95 6.37
CA THR A 452 -9.02 -33.06 6.98
C THR A 452 -8.34 -31.73 7.36
N GLY A 453 -9.11 -30.72 7.71
CA GLY A 453 -8.56 -29.41 8.16
C GLY A 453 -9.54 -28.34 7.70
N SER A 454 -9.28 -27.05 7.94
CA SER A 454 -10.28 -26.08 7.45
C SER A 454 -10.47 -26.08 5.91
N THR A 455 -11.68 -25.75 5.52
CA THR A 455 -12.05 -25.77 4.12
C THR A 455 -12.42 -24.37 3.66
N VAL A 456 -12.65 -24.24 2.35
CA VAL A 456 -12.96 -22.95 1.78
C VAL A 456 -13.70 -23.23 0.48
N THR A 457 -14.57 -22.30 0.05
CA THR A 457 -15.29 -22.46 -1.22
C THR A 457 -14.40 -22.04 -2.40
N SER A 458 -14.22 -22.93 -3.36
CA SER A 458 -13.43 -22.66 -4.53
C SER A 458 -14.30 -22.68 -5.74
N TYR A 459 -14.14 -21.69 -6.62
CA TYR A 459 -14.99 -21.57 -7.84
C TYR A 459 -14.39 -22.20 -9.06
N TRP A 460 -15.18 -23.02 -9.77
CA TRP A 460 -14.70 -23.73 -11.00
C TRP A 460 -15.56 -23.42 -12.22
N ALA A 461 -14.96 -23.61 -13.41
CA ALA A 461 -15.63 -23.33 -14.68
C ALA A 461 -15.85 -24.60 -15.58
N ASN A 462 -15.90 -25.77 -14.94
CA ASN A 462 -16.28 -27.04 -15.59
C ASN A 462 -17.69 -27.50 -15.08
N LYS A 463 -18.07 -28.74 -15.36
CA LYS A 463 -19.35 -29.34 -14.94
C LYS A 463 -19.27 -29.77 -13.47
N SER A 464 -18.19 -30.46 -13.10
CA SER A 464 -18.05 -31.14 -11.80
C SER A 464 -17.31 -30.45 -10.61
N GLY A 465 -17.02 -29.15 -10.70
CA GLY A 465 -16.20 -28.52 -9.65
C GLY A 465 -14.86 -29.17 -9.58
N ALA A 466 -14.36 -29.37 -8.36
CA ALA A 466 -13.01 -29.77 -8.06
C ALA A 466 -12.92 -31.24 -7.78
N PRO A 467 -11.74 -31.85 -8.04
CA PRO A 467 -11.69 -33.30 -7.86
C PRO A 467 -11.40 -33.62 -6.42
N ALA A 468 -11.17 -34.89 -6.12
CA ALA A 468 -10.76 -35.19 -4.77
C ALA A 468 -9.24 -34.98 -4.68
N THR A 469 -8.76 -34.83 -3.45
CA THR A 469 -7.37 -34.56 -3.25
C THR A 469 -6.56 -35.73 -3.77
N SER A 470 -5.43 -35.49 -4.42
CA SER A 470 -4.50 -36.58 -4.80
C SER A 470 -3.07 -36.17 -4.57
N TYR A 471 -2.13 -37.05 -4.84
CA TYR A 471 -0.85 -36.79 -4.20
C TYR A 471 -0.22 -35.49 -4.79
N ARG A 472 -0.32 -35.32 -6.12
CA ARG A 472 0.09 -34.08 -6.78
C ARG A 472 -1.15 -33.15 -6.90
N PHE A 473 -1.56 -32.59 -5.75
CA PHE A 473 -2.71 -31.67 -5.66
C PHE A 473 -2.51 -30.31 -6.33
N ALA A 474 -1.26 -29.92 -6.58
CA ALA A 474 -0.95 -28.56 -6.99
C ALA A 474 -0.53 -28.52 -8.45
N ILE A 475 -0.50 -27.33 -9.05
CA ILE A 475 0.02 -27.13 -10.40
C ILE A 475 1.52 -27.00 -10.28
N GLY A 476 2.26 -27.95 -10.86
CA GLY A 476 3.73 -27.92 -10.80
C GLY A 476 4.26 -28.52 -9.51
N GLY A 477 5.58 -28.44 -9.30
CA GLY A 477 6.23 -29.02 -8.09
C GLY A 477 7.08 -30.25 -8.36
N SER A 478 8.25 -30.36 -7.72
CA SER A 478 9.07 -31.56 -7.82
C SER A 478 8.68 -32.67 -6.77
N ASP A 479 9.34 -33.86 -6.76
CA ASP A 479 8.97 -34.91 -5.78
C ASP A 479 9.46 -34.41 -4.44
N ALA A 480 10.65 -33.80 -4.45
CA ALA A 480 11.24 -33.22 -3.22
C ALA A 480 10.35 -32.09 -2.69
N ASP A 481 9.85 -31.27 -3.63
CA ASP A 481 8.89 -30.26 -3.32
C ASP A 481 7.70 -30.93 -2.57
N TYR A 482 7.17 -32.02 -3.14
CA TYR A 482 5.95 -32.65 -2.59
C TYR A 482 6.15 -33.35 -1.23
N GLN A 483 7.34 -33.92 -1.03
N GLN A 483 7.31 -33.98 -1.08
CA GLN A 483 7.76 -34.52 0.27
CA GLN A 483 7.80 -34.45 0.22
C GLN A 483 7.92 -33.44 1.38
C GLN A 483 7.58 -33.33 1.23
N ASN A 484 8.27 -32.21 0.98
CA ASN A 484 8.30 -31.08 1.89
C ASN A 484 6.90 -30.76 2.27
N ALA A 485 6.05 -30.54 1.27
CA ALA A 485 4.72 -29.98 1.46
C ALA A 485 3.82 -30.88 2.29
N TRP A 486 3.74 -32.15 1.92
CA TRP A 486 3.03 -33.15 2.72
C TRP A 486 3.48 -33.30 4.18
N SER A 487 4.78 -33.31 4.43
CA SER A 487 5.34 -33.09 5.74
C SER A 487 4.51 -32.12 6.54
N SER A 488 4.19 -30.98 5.95
CA SER A 488 3.47 -29.95 6.70
C SER A 488 2.02 -30.25 6.89
N ILE A 489 1.45 -30.80 5.83
CA ILE A 489 0.04 -31.09 5.81
C ILE A 489 -0.19 -32.11 6.91
N VAL A 490 0.54 -33.23 6.85
CA VAL A 490 0.43 -34.30 7.84
C VAL A 490 0.72 -33.84 9.27
N GLY A 491 1.92 -33.25 9.51
CA GLY A 491 2.31 -32.71 10.84
C GLY A 491 1.29 -31.72 11.44
N SER A 492 0.23 -31.44 10.70
CA SER A 492 -0.80 -30.50 11.12
C SER A 492 -2.19 -31.14 11.29
N LEU A 493 -2.27 -32.46 11.10
CA LEU A 493 -3.48 -33.25 11.46
C LEU A 493 -3.39 -33.86 12.87
N ILE B 5 -11.23 39.82 33.00
CA ILE B 5 -9.93 40.46 32.67
C ILE B 5 -8.69 39.53 32.82
N SER B 6 -8.82 38.37 33.51
CA SER B 6 -7.72 37.38 33.34
C SER B 6 -7.78 36.75 31.91
N GLU B 7 -6.63 36.52 31.25
CA GLU B 7 -6.59 36.16 29.80
C GLU B 7 -5.72 34.96 29.34
N ILE B 8 -6.31 34.11 28.48
CA ILE B 8 -5.55 33.05 27.77
C ILE B 8 -5.33 33.41 26.30
N THR B 9 -4.06 33.35 25.87
CA THR B 9 -3.60 33.76 24.55
C THR B 9 -2.88 32.62 23.77
N TYR B 10 -2.91 32.72 22.43
CA TYR B 10 -2.14 31.92 21.47
C TYR B 10 -0.68 32.33 21.59
N SER B 11 0.22 31.52 21.05
CA SER B 11 1.68 31.74 21.18
C SER B 11 2.18 33.12 20.76
N ASP B 12 1.49 33.73 19.77
CA ASP B 12 1.73 35.10 19.24
C ASP B 12 0.91 36.18 20.02
N GLY B 13 0.35 35.83 21.18
CA GLY B 13 -0.27 36.80 22.08
C GLY B 13 -1.71 37.16 21.76
N THR B 14 -2.25 36.73 20.62
CA THR B 14 -3.64 37.00 20.34
C THR B 14 -4.47 36.30 21.40
N VAL B 15 -5.49 37.00 21.92
CA VAL B 15 -6.39 36.41 22.95
C VAL B 15 -7.21 35.16 22.46
N ILE B 16 -7.24 34.06 23.25
CA ILE B 16 -8.14 32.87 23.00
C ILE B 16 -9.53 33.09 23.67
N ALA B 17 -9.49 33.42 24.98
CA ALA B 17 -10.60 33.96 25.77
C ALA B 17 -10.16 34.67 27.11
N SER B 18 -11.07 35.45 27.69
CA SER B 18 -10.95 35.94 29.07
C SER B 18 -11.55 34.89 30.02
N ILE B 19 -11.06 34.80 31.26
CA ILE B 19 -11.75 33.89 32.19
C ILE B 19 -12.54 34.57 33.33
N GLU B 20 -13.80 34.15 33.46
CA GLU B 20 -14.81 34.80 34.31
C GLU B 20 -15.43 33.98 35.50
N SER B 21 -16.54 33.21 35.27
CA SER B 21 -17.29 32.28 36.24
C SER B 21 -18.82 32.54 36.38
N ASP B 22 -19.61 31.52 36.82
CA ASP B 22 -21.17 31.48 36.79
C ASP B 22 -21.82 30.21 37.48
N MET B 23 -23.15 30.12 37.64
CA MET B 23 -23.80 28.94 38.33
C MET B 23 -25.22 28.42 37.91
N LEU B 24 -25.31 27.14 37.51
CA LEU B 24 -26.51 26.61 36.80
C LEU B 24 -26.89 25.23 37.34
N ASP B 40 -13.78 25.55 22.09
CA ASP B 40 -14.13 25.06 23.45
C ASP B 40 -13.23 23.99 24.08
N TYR B 41 -12.82 22.96 23.32
CA TYR B 41 -11.66 22.07 23.76
C TYR B 41 -10.43 22.89 24.15
N LEU B 42 -10.12 23.91 23.36
CA LEU B 42 -8.94 24.77 23.55
C LEU B 42 -8.97 25.49 24.91
N TYR B 43 -10.19 25.96 25.26
CA TYR B 43 -10.45 26.74 26.44
C TYR B 43 -10.20 25.88 27.68
N PHE B 44 -10.87 24.73 27.72
CA PHE B 44 -10.75 23.91 28.90
C PHE B 44 -9.41 23.27 29.07
N THR B 45 -8.80 22.81 28.00
CA THR B 45 -7.43 22.22 28.08
C THR B 45 -6.38 23.20 28.63
N THR B 46 -6.37 24.41 28.06
CA THR B 46 -5.39 25.42 28.41
C THR B 46 -5.67 25.95 29.83
N LEU B 47 -6.95 26.20 30.16
CA LEU B 47 -7.30 26.56 31.54
C LEU B 47 -6.90 25.44 32.50
N ALA B 48 -7.26 24.21 32.19
CA ALA B 48 -6.86 23.19 33.16
C ALA B 48 -5.33 23.17 33.35
N GLU B 49 -4.52 23.31 32.28
CA GLU B 49 -3.02 23.24 32.50
C GLU B 49 -2.51 24.48 33.26
N ALA B 50 -3.05 25.65 32.91
CA ALA B 50 -2.80 26.93 33.68
C ALA B 50 -3.15 26.85 35.18
N GLN B 51 -4.30 26.27 35.53
CA GLN B 51 -4.60 25.92 36.96
C GLN B 51 -3.65 24.96 37.65
N GLU B 52 -3.13 23.94 36.95
CA GLU B 52 -2.11 23.05 37.57
C GLU B 52 -0.80 23.83 37.76
N ARG B 53 -0.48 24.71 36.79
CA ARG B 53 0.70 25.55 36.99
C ARG B 53 0.55 26.50 38.18
N MET B 54 -0.66 27.09 38.33
CA MET B 54 -0.92 28.06 39.39
C MET B 54 -0.85 27.40 40.78
N TYR B 55 -1.44 26.23 40.87
CA TYR B 55 -1.37 25.42 42.05
C TYR B 55 0.06 25.15 42.54
N ASP B 56 1.00 24.76 41.67
CA ASP B 56 2.34 24.40 42.17
C ASP B 56 2.98 25.66 42.71
N TYR B 57 2.61 26.79 42.07
CA TYR B 57 3.14 28.09 42.40
C TYR B 57 2.68 28.55 43.80
N LEU B 58 1.35 28.54 43.98
CA LEU B 58 0.70 28.67 45.28
C LEU B 58 1.24 27.70 46.37
N ALA B 59 1.33 26.39 46.07
CA ALA B 59 1.78 25.38 47.03
C ALA B 59 3.18 25.75 47.49
N GLN B 60 3.98 26.28 46.59
CA GLN B 60 5.34 26.51 46.86
C GLN B 60 5.53 27.84 47.63
N ARG B 61 4.76 28.85 47.26
CA ARG B 61 4.86 30.14 47.92
C ARG B 61 4.38 30.04 49.39
N ASP B 62 3.49 29.09 49.69
CA ASP B 62 3.11 28.79 51.10
C ASP B 62 3.91 27.60 51.67
N ASN B 63 4.97 27.17 51.00
CA ASN B 63 5.92 26.15 51.53
C ASN B 63 5.29 24.90 52.06
N VAL B 64 4.40 24.31 51.29
CA VAL B 64 3.82 23.04 51.71
C VAL B 64 4.69 21.85 51.24
N SER B 65 4.41 20.64 51.73
CA SER B 65 4.55 19.37 50.95
C SER B 65 3.87 18.23 51.72
N ALA B 66 2.69 18.57 52.29
CA ALA B 66 2.05 17.87 53.43
C ALA B 66 1.29 16.56 53.08
N GLU B 72 -3.80 15.63 53.77
CA GLU B 72 -3.34 16.31 52.60
C GLU B 72 -4.18 15.97 51.36
N ALA B 73 -5.26 15.18 51.49
CA ALA B 73 -6.26 15.11 50.38
C ALA B 73 -7.16 16.38 50.47
N THR B 74 -6.70 17.30 51.33
CA THR B 74 -6.97 18.72 51.21
C THR B 74 -5.63 19.50 51.41
N GLN B 75 -4.78 19.66 50.39
CA GLN B 75 -4.99 19.42 48.91
C GLN B 75 -5.36 20.59 48.08
N LYS B 76 -6.28 20.58 47.09
N LYS B 76 -6.24 20.58 47.05
CA LYS B 76 -7.73 20.22 47.14
CA LYS B 76 -7.69 20.30 47.03
C LYS B 76 -8.51 21.34 47.86
C LYS B 76 -8.29 21.65 47.46
N PHE B 77 -7.71 22.18 48.52
CA PHE B 77 -7.95 23.55 48.97
C PHE B 77 -7.09 24.37 47.98
N TYR B 78 -5.91 23.85 47.70
CA TYR B 78 -5.06 24.41 46.67
C TYR B 78 -5.60 24.32 45.25
N ARG B 79 -6.28 23.25 44.89
CA ARG B 79 -6.94 23.32 43.60
C ARG B 79 -7.80 24.59 43.56
N ASP B 80 -8.69 24.70 44.54
CA ASP B 80 -9.76 25.72 44.53
C ASP B 80 -9.21 27.12 44.59
N LEU B 81 -8.10 27.26 45.31
CA LEU B 81 -7.39 28.55 45.42
C LEU B 81 -6.86 28.99 44.01
N ALA B 82 -6.14 28.06 43.34
CA ALA B 82 -5.61 28.27 42.00
C ALA B 82 -6.69 28.68 41.03
N ALA B 83 -7.87 28.08 41.09
CA ALA B 83 -8.94 28.52 40.17
C ALA B 83 -9.35 29.94 40.49
N LYS B 84 -9.40 30.26 41.80
CA LYS B 84 -9.81 31.60 42.26
C LYS B 84 -8.79 32.68 41.88
N GLU B 85 -7.52 32.37 42.09
CA GLU B 85 -6.45 33.29 41.72
C GLU B 85 -6.56 33.69 40.23
N ILE B 86 -6.88 32.75 39.36
CA ILE B 86 -6.95 33.03 37.94
C ILE B 86 -8.24 33.72 37.54
N GLU B 87 -9.35 33.29 38.13
CA GLU B 87 -10.64 33.86 37.70
C GLU B 87 -10.89 35.25 38.30
N ASN B 88 -10.19 35.58 39.38
CA ASN B 88 -10.27 36.92 40.00
C ASN B 88 -9.12 37.83 39.56
N GLY B 89 -7.88 37.33 39.64
CA GLY B 89 -6.65 38.10 39.39
C GLY B 89 -6.67 38.58 37.97
N GLY B 90 -5.61 39.28 37.59
CA GLY B 90 -5.46 39.71 36.21
C GLY B 90 -4.14 39.12 35.74
N TYR B 91 -4.19 37.93 35.16
CA TYR B 91 -2.95 37.22 34.75
C TYR B 91 -2.93 37.06 33.27
N LYS B 92 -1.77 37.25 32.65
CA LYS B 92 -1.62 36.92 31.24
C LYS B 92 -0.98 35.52 31.15
N ILE B 93 -1.71 34.62 30.48
CA ILE B 93 -1.39 33.20 30.32
C ILE B 93 -1.00 32.97 28.87
N THR B 94 0.28 32.76 28.61
CA THR B 94 0.73 32.45 27.26
C THR B 94 0.78 30.92 26.92
N THR B 95 0.07 30.54 25.87
CA THR B 95 0.12 29.16 25.43
C THR B 95 1.14 28.96 24.30
N THR B 96 1.28 27.69 23.95
CA THR B 96 2.13 27.30 22.86
C THR B 96 1.31 27.13 21.62
N ILE B 97 -0.01 27.29 21.69
CA ILE B 97 -0.88 26.97 20.56
C ILE B 97 -0.76 27.98 19.43
N ASP B 98 -0.53 27.48 18.22
CA ASP B 98 -0.26 28.33 17.13
C ASP B 98 -1.61 28.54 16.51
N GLN B 99 -2.10 29.77 16.51
CA GLN B 99 -3.48 29.89 16.07
C GLN B 99 -3.87 29.29 14.64
N LYS B 100 -3.05 29.55 13.63
CA LYS B 100 -3.36 29.13 12.25
C LYS B 100 -3.40 27.61 12.06
N ILE B 101 -2.37 26.94 12.59
CA ILE B 101 -2.31 25.50 12.61
C ILE B 101 -3.45 24.86 13.42
N HIS B 102 -3.69 25.35 14.63
CA HIS B 102 -4.81 24.82 15.42
C HIS B 102 -6.17 24.99 14.69
N SER B 103 -6.42 26.14 14.07
N SER B 103 -6.44 26.14 14.08
CA SER B 103 -7.68 26.35 13.32
CA SER B 103 -7.70 26.30 13.35
C SER B 103 -7.76 25.44 12.11
C SER B 103 -7.74 25.39 12.14
N ALA B 104 -6.68 25.39 11.34
CA ALA B 104 -6.60 24.40 10.24
C ALA B 104 -6.85 22.97 10.76
N MET B 105 -6.35 22.63 11.96
CA MET B 105 -6.66 21.26 12.47
C MET B 105 -8.18 21.07 12.75
N GLN B 106 -8.86 22.12 13.25
CA GLN B 106 -10.34 22.00 13.47
C GLN B 106 -11.06 21.88 12.14
N SER B 107 -10.64 22.68 11.19
CA SER B 107 -11.30 22.61 9.92
C SER B 107 -11.09 21.23 9.33
N ALA B 108 -9.89 20.64 9.47
CA ALA B 108 -9.63 19.26 9.00
C ALA B 108 -10.55 18.25 9.59
N VAL B 109 -10.71 18.27 10.91
CA VAL B 109 -11.55 17.22 11.47
C VAL B 109 -13.00 17.46 11.05
N ALA B 110 -13.38 18.75 10.87
CA ALA B 110 -14.76 19.01 10.44
C ALA B 110 -15.00 18.56 8.99
N ASP B 111 -14.06 18.84 8.10
CA ASP B 111 -14.25 18.48 6.68
C ASP B 111 -13.96 17.01 6.28
N TYR B 112 -13.13 16.33 7.05
CA TYR B 112 -12.67 15.00 6.66
C TYR B 112 -12.87 14.00 7.75
N GLY B 113 -13.46 14.45 8.87
CA GLY B 113 -13.84 13.53 9.94
C GLY B 113 -14.59 12.32 9.44
N TYR B 114 -15.56 12.51 8.54
CA TYR B 114 -16.42 11.40 8.05
C TYR B 114 -15.61 10.27 7.42
N LEU B 115 -14.37 10.55 7.04
CA LEU B 115 -13.49 9.53 6.46
C LEU B 115 -13.24 8.43 7.45
N LEU B 116 -13.44 8.71 8.72
CA LEU B 116 -13.15 7.70 9.74
C LEU B 116 -14.34 6.79 10.03
N ASP B 117 -15.55 7.20 9.65
CA ASP B 117 -16.73 6.37 10.05
C ASP B 117 -16.79 5.12 9.18
N ASP B 118 -16.72 3.94 9.77
CA ASP B 118 -16.46 2.78 8.94
C ASP B 118 -17.64 1.82 8.97
N GLY B 119 -18.81 2.30 9.38
CA GLY B 119 -19.94 1.36 9.50
C GLY B 119 -20.06 0.81 10.91
N THR B 120 -19.18 1.19 11.83
CA THR B 120 -19.37 0.75 13.18
C THR B 120 -19.86 1.86 14.09
N GLY B 121 -20.35 2.98 13.55
CA GLY B 121 -20.88 4.01 14.45
C GLY B 121 -20.10 5.30 14.31
N ARG B 122 -20.19 6.19 15.32
CA ARG B 122 -19.47 7.47 15.28
C ARG B 122 -18.08 7.28 15.89
N VAL B 123 -17.09 7.32 15.01
CA VAL B 123 -15.70 6.98 15.37
C VAL B 123 -15.02 8.26 15.83
N GLU B 124 -14.56 8.28 17.08
CA GLU B 124 -13.89 9.42 17.65
C GLU B 124 -12.38 9.41 17.40
N VAL B 125 -11.74 10.51 17.82
CA VAL B 125 -10.46 10.85 17.34
C VAL B 125 -9.76 11.79 18.31
N GLY B 126 -8.44 11.59 18.41
CA GLY B 126 -7.56 12.43 19.19
C GLY B 126 -6.27 12.62 18.37
N ASN B 127 -5.77 13.86 18.36
CA ASN B 127 -4.54 14.23 17.63
C ASN B 127 -3.82 15.32 18.39
N VAL B 128 -2.53 15.13 18.61
CA VAL B 128 -1.63 16.12 19.16
C VAL B 128 -0.45 16.43 18.18
N LEU B 129 -0.21 17.72 17.88
CA LEU B 129 0.94 18.12 17.07
C LEU B 129 1.95 18.76 17.97
N MET B 130 3.12 18.13 18.10
CA MET B 130 4.15 18.54 19.02
C MET B 130 5.46 18.93 18.31
N ASP B 131 6.13 19.95 18.83
CA ASP B 131 7.41 20.44 18.30
C ASP B 131 8.52 19.58 18.87
N ASN B 132 9.27 18.85 18.03
CA ASN B 132 10.31 17.92 18.52
C ASN B 132 11.46 18.61 19.30
N GLN B 133 11.75 19.89 19.06
CA GLN B 133 12.88 20.42 19.81
C GLN B 133 12.49 20.91 21.18
N THR B 134 11.18 21.13 21.45
CA THR B 134 10.78 21.79 22.69
C THR B 134 9.68 21.11 23.51
N GLY B 135 8.85 20.25 22.90
CA GLY B 135 7.77 19.61 23.64
C GLY B 135 6.51 20.40 23.60
N ALA B 136 6.59 21.61 23.09
CA ALA B 136 5.44 22.43 22.92
C ALA B 136 4.42 21.88 21.95
N ILE B 137 3.14 21.95 22.37
CA ILE B 137 2.02 21.52 21.56
C ILE B 137 1.51 22.64 20.65
N LEU B 138 1.67 22.45 19.35
CA LEU B 138 1.23 23.50 18.45
C LEU B 138 -0.26 23.51 18.16
N GLY B 139 -0.97 22.39 18.26
CA GLY B 139 -2.38 22.36 17.87
C GLY B 139 -2.83 20.96 18.24
N PHE B 140 -4.13 20.67 18.17
CA PHE B 140 -4.63 19.32 18.53
C PHE B 140 -6.06 19.16 18.09
N VAL B 141 -6.54 17.94 18.11
CA VAL B 141 -7.93 17.70 17.79
C VAL B 141 -8.44 16.97 18.98
N GLY B 142 -9.48 17.50 19.60
CA GLY B 142 -9.98 16.94 20.82
C GLY B 142 -11.03 15.86 20.61
N GLY B 143 -11.58 15.83 19.40
CA GLY B 143 -12.72 14.95 19.12
C GLY B 143 -13.37 15.35 17.81
N ARG B 144 -14.37 14.59 17.34
CA ARG B 144 -15.16 14.91 16.13
C ARG B 144 -15.95 16.23 16.12
N ASN B 145 -16.35 16.74 17.30
CA ASN B 145 -17.29 17.87 17.40
C ASN B 145 -17.66 18.18 18.86
N TYR B 146 -16.97 19.11 19.49
CA TYR B 146 -17.26 19.51 20.89
C TYR B 146 -18.79 19.56 21.31
N GLN B 147 -19.63 20.23 20.52
CA GLN B 147 -21.11 20.27 20.68
C GLN B 147 -21.74 18.89 20.79
N GLU B 148 -21.41 17.94 19.92
CA GLU B 148 -22.04 16.60 20.08
C GLU B 148 -21.43 15.69 21.19
N ASN B 149 -20.12 15.81 21.39
CA ASN B 149 -19.43 15.10 22.44
C ASN B 149 -18.30 15.95 22.99
N GLN B 150 -18.21 16.04 24.32
CA GLN B 150 -17.13 16.83 24.92
C GLN B 150 -15.95 16.10 25.53
N ASN B 151 -15.94 14.76 25.56
CA ASN B 151 -14.72 14.07 25.99
C ASN B 151 -13.50 14.54 25.20
N ASN B 152 -12.47 14.90 25.93
CA ASN B 152 -11.26 15.33 25.28
C ASN B 152 -10.42 14.10 24.96
N HIS B 153 -10.47 13.66 23.70
CA HIS B 153 -9.69 12.52 23.31
C HIS B 153 -8.24 12.81 23.07
N ALA B 154 -7.82 14.08 23.10
CA ALA B 154 -6.36 14.38 23.02
C ALA B 154 -5.66 14.35 24.36
N PHE B 155 -6.32 14.79 25.42
CA PHE B 155 -5.60 14.99 26.73
C PHE B 155 -6.14 14.14 27.88
N ASP B 156 -7.36 13.57 27.72
CA ASP B 156 -8.00 12.85 28.81
C ASP B 156 -8.15 11.37 28.60
N THR B 157 -8.66 10.93 27.45
CA THR B 157 -8.89 9.53 27.37
C THR B 157 -7.57 8.77 27.23
N LYS B 158 -7.57 7.55 27.78
CA LYS B 158 -6.35 6.72 27.96
C LYS B 158 -6.68 5.39 27.36
N ARG B 159 -5.95 4.94 26.36
CA ARG B 159 -6.17 3.64 25.74
C ARG B 159 -4.83 2.90 25.59
N SER B 160 -4.87 1.58 25.46
CA SER B 160 -3.63 0.83 25.21
C SER B 160 -3.00 1.33 23.91
N PRO B 161 -1.68 1.63 23.90
CA PRO B 161 -1.02 2.06 22.63
C PRO B 161 -0.71 0.88 21.71
N ALA B 162 -0.95 -0.31 22.25
CA ALA B 162 -0.70 -1.57 21.55
C ALA B 162 0.68 -1.65 20.90
N SER B 163 0.68 -2.11 19.64
CA SER B 163 1.84 -2.15 18.86
C SER B 163 2.66 -0.86 18.95
N THR B 164 2.45 0.42 18.99
CA THR B 164 3.29 1.64 19.04
C THR B 164 4.09 1.62 20.31
N THR B 165 3.76 0.68 21.21
CA THR B 165 4.63 0.41 22.34
C THR B 165 5.99 -0.25 22.08
N LYS B 166 6.06 -1.04 21.02
CA LYS B 166 7.23 -1.90 20.74
C LYS B 166 8.56 -1.14 20.42
N PRO B 167 8.50 -0.05 19.63
CA PRO B 167 9.81 0.62 19.54
C PRO B 167 10.26 1.24 20.86
N LEU B 168 9.36 1.72 21.72
CA LEU B 168 9.90 2.45 22.89
C LEU B 168 10.30 1.49 23.98
N LEU B 169 9.49 0.46 24.18
CA LEU B 169 9.63 -0.35 25.36
C LEU B 169 10.51 -1.63 25.10
N ALA B 170 10.58 -2.08 23.84
CA ALA B 170 11.27 -3.28 23.65
C ALA B 170 12.46 -3.10 22.70
N TYR B 171 12.26 -2.94 21.40
CA TYR B 171 13.41 -2.75 20.50
C TYR B 171 14.27 -1.57 20.75
N GLY B 172 13.72 -0.44 21.14
CA GLY B 172 14.63 0.71 21.30
C GLY B 172 15.51 0.43 22.50
N ILE B 173 14.96 -0.11 23.56
CA ILE B 173 15.77 -0.40 24.77
C ILE B 173 16.81 -1.50 24.52
N ALA B 174 16.42 -2.57 23.84
CA ALA B 174 17.38 -3.61 23.52
C ALA B 174 18.53 -3.03 22.64
N ILE B 175 18.22 -2.11 21.72
CA ILE B 175 19.29 -1.58 20.89
C ILE B 175 20.19 -0.77 21.76
N ASP B 176 19.59 -0.05 22.72
CA ASP B 176 20.32 0.90 23.54
C ASP B 176 21.26 0.15 24.49
N GLN B 177 20.92 -1.04 24.88
CA GLN B 177 21.72 -1.76 25.84
C GLN B 177 22.76 -2.66 25.17
N GLY B 178 22.98 -2.50 23.87
CA GLY B 178 23.95 -3.30 23.18
C GLY B 178 23.52 -4.75 22.99
N LEU B 179 22.22 -5.04 23.03
CA LEU B 179 21.75 -6.41 22.90
C LEU B 179 21.23 -6.70 21.53
N MET B 180 21.10 -5.71 20.64
CA MET B 180 20.76 -5.97 19.24
C MET B 180 21.08 -4.77 18.36
N GLY B 181 21.08 -5.03 17.04
CA GLY B 181 21.36 -4.07 15.97
C GLY B 181 20.35 -4.18 14.81
N SER B 182 20.42 -3.25 13.85
CA SER B 182 19.37 -3.07 12.92
C SER B 182 19.02 -4.33 12.12
N GLU B 183 19.99 -5.22 11.94
CA GLU B 183 19.70 -6.41 11.17
C GLU B 183 19.79 -7.70 11.98
N THR B 184 19.75 -7.58 13.30
CA THR B 184 19.53 -8.72 14.16
C THR B 184 18.29 -9.57 13.81
N ILE B 185 18.43 -10.87 14.05
CA ILE B 185 17.37 -11.85 13.83
C ILE B 185 16.56 -12.14 15.09
N LEU B 186 15.25 -12.23 14.95
CA LEU B 186 14.39 -12.55 16.07
C LEU B 186 13.57 -13.75 15.67
N SER B 187 13.18 -14.56 16.63
CA SER B 187 12.19 -15.61 16.39
C SER B 187 10.74 -15.15 16.28
N ASN B 188 10.01 -15.64 15.25
CA ASN B 188 8.55 -15.53 15.15
C ASN B 188 7.96 -16.91 15.03
N TYR B 189 8.75 -17.91 15.42
CA TYR B 189 8.21 -19.27 15.53
C TYR B 189 7.17 -19.33 16.64
N PRO B 190 6.12 -20.15 16.44
CA PRO B 190 5.00 -20.23 17.41
C PRO B 190 5.54 -20.49 18.84
N THR B 191 4.86 -19.90 19.81
CA THR B 191 5.31 -20.05 21.20
C THR B 191 4.17 -19.65 22.07
N ASN B 192 4.19 -20.10 23.31
CA ASN B 192 3.02 -19.89 24.16
C ASN B 192 3.23 -18.97 25.31
N PHE B 193 2.15 -18.40 25.82
CA PHE B 193 2.21 -17.72 27.10
C PHE B 193 2.41 -18.78 28.22
N ALA B 194 2.81 -18.36 29.42
CA ALA B 194 3.19 -19.30 30.54
C ALA B 194 2.00 -20.23 30.84
N ASN B 195 0.78 -19.67 30.65
CA ASN B 195 -0.50 -20.37 30.74
C ASN B 195 -0.90 -21.34 29.58
N GLY B 196 -0.07 -21.52 28.55
CA GLY B 196 -0.45 -22.44 27.50
C GLY B 196 -1.02 -21.82 26.26
N ASN B 197 -1.72 -20.71 26.39
CA ASN B 197 -2.29 -20.05 25.23
C ASN B 197 -1.27 -19.62 24.17
N PRO B 198 -1.52 -19.92 22.90
CA PRO B 198 -0.53 -19.53 21.89
C PRO B 198 -0.56 -18.03 21.70
N ILE B 199 0.62 -17.45 21.51
CA ILE B 199 0.77 -16.02 21.24
C ILE B 199 0.35 -15.72 19.78
N MET B 200 -0.58 -14.81 19.57
CA MET B 200 -1.17 -14.69 18.24
C MET B 200 -0.87 -13.33 17.60
N TYR B 201 -1.09 -13.23 16.30
CA TYR B 201 -1.03 -11.98 15.56
C TYR B 201 -2.06 -12.13 14.47
N ALA B 202 -3.19 -11.41 14.56
CA ALA B 202 -4.39 -11.67 13.70
C ALA B 202 -4.69 -13.16 13.83
N ASN B 203 -4.93 -13.87 12.73
CA ASN B 203 -5.06 -15.31 12.85
C ASN B 203 -3.84 -16.21 12.82
N SER B 204 -2.63 -15.70 12.96
CA SER B 204 -1.45 -16.48 12.68
C SER B 204 -0.79 -16.88 13.96
N LYS B 205 -0.34 -18.12 14.01
CA LYS B 205 0.33 -18.65 15.18
C LYS B 205 1.84 -18.33 15.11
N GLY B 206 2.31 -17.76 14.01
CA GLY B 206 3.76 -17.62 13.88
C GLY B 206 4.36 -18.10 12.54
N THR B 207 5.59 -17.70 12.23
CA THR B 207 6.28 -18.11 11.01
C THR B 207 7.65 -18.63 11.45
N GLY B 208 8.76 -17.96 11.12
CA GLY B 208 10.09 -18.44 11.52
C GLY B 208 10.91 -17.25 11.91
N MET B 209 12.25 -17.29 11.75
CA MET B 209 13.19 -16.20 12.00
C MET B 209 12.96 -15.01 11.10
N MET B 210 13.12 -13.78 11.57
CA MET B 210 13.01 -12.63 10.68
C MET B 210 13.97 -11.54 11.18
N THR B 211 14.25 -10.56 10.33
CA THR B 211 14.92 -9.35 10.79
C THR B 211 13.96 -8.52 11.64
N LEU B 212 14.58 -7.67 12.47
CA LEU B 212 14.00 -6.50 13.09
C LEU B 212 13.08 -5.67 12.19
N GLY B 213 13.59 -5.37 11.00
CA GLY B 213 12.87 -4.56 10.00
C GLY B 213 11.58 -5.19 9.63
N GLU B 214 11.64 -6.49 9.47
CA GLU B 214 10.45 -7.25 9.17
C GLU B 214 9.58 -7.33 10.40
N ALA B 215 10.13 -7.62 11.56
CA ALA B 215 9.29 -7.64 12.76
C ALA B 215 8.55 -6.29 12.96
N LEU B 216 9.19 -5.19 12.62
CA LEU B 216 8.60 -3.88 12.71
C LEU B 216 7.65 -3.59 11.59
N ASN B 217 8.08 -3.81 10.34
CA ASN B 217 7.15 -3.40 9.29
C ASN B 217 5.80 -4.10 9.39
N TYR B 218 5.81 -5.38 9.73
CA TYR B 218 4.62 -6.21 9.84
C TYR B 218 4.07 -6.13 11.23
N SER B 219 4.90 -5.69 12.18
CA SER B 219 4.41 -5.58 13.52
C SER B 219 4.08 -6.93 14.18
N TRP B 220 4.91 -7.96 13.98
CA TRP B 220 4.59 -9.25 14.57
C TRP B 220 4.67 -9.17 16.08
N ASN B 221 4.05 -10.11 16.82
CA ASN B 221 4.07 -10.04 18.31
C ASN B 221 5.05 -10.88 19.06
N ILE B 222 5.26 -12.11 18.59
CA ILE B 222 6.28 -13.00 19.22
C ILE B 222 7.70 -12.38 19.32
N PRO B 223 8.22 -11.73 18.26
CA PRO B 223 9.51 -11.00 18.39
C PRO B 223 9.59 -9.93 19.49
N ALA B 224 8.51 -9.17 19.72
CA ALA B 224 8.51 -8.19 20.85
C ALA B 224 8.43 -8.87 22.18
N TYR B 225 7.70 -9.98 22.21
CA TYR B 225 7.62 -10.78 23.45
C TYR B 225 9.01 -11.31 23.86
N TRP B 226 9.79 -11.83 22.91
CA TRP B 226 11.09 -12.38 23.30
C TRP B 226 12.04 -11.25 23.66
N THR B 227 11.90 -10.10 23.03
CA THR B 227 12.78 -8.98 23.31
C THR B 227 12.59 -8.54 24.75
N TYR B 228 11.36 -8.51 25.22
CA TYR B 228 11.11 -7.99 26.53
C TYR B 228 11.58 -8.99 27.56
N ARG B 229 11.36 -10.27 27.29
CA ARG B 229 11.96 -11.33 28.15
C ARG B 229 13.43 -11.23 28.21
N MET B 230 14.11 -11.02 27.06
CA MET B 230 15.53 -10.83 27.13
C MET B 230 15.89 -9.70 28.11
N LEU B 231 15.15 -8.58 28.04
CA LEU B 231 15.48 -7.40 28.79
C LEU B 231 15.34 -7.70 30.25
N ARG B 232 14.27 -8.40 30.59
CA ARG B 232 14.11 -8.85 31.98
C ARG B 232 15.25 -9.77 32.40
N GLU B 233 15.58 -10.77 31.55
CA GLU B 233 16.61 -11.77 31.87
C GLU B 233 17.93 -11.10 32.09
N ASN B 234 18.18 -9.99 31.40
CA ASN B 234 19.42 -9.28 31.60
C ASN B 234 19.34 -8.19 32.67
N GLY B 235 18.24 -8.09 33.42
CA GLY B 235 18.07 -7.02 34.42
C GLY B 235 18.01 -5.52 33.97
N VAL B 236 17.66 -5.25 32.72
CA VAL B 236 17.44 -3.86 32.29
C VAL B 236 16.32 -3.05 33.07
N ASP B 237 16.69 -1.84 33.45
CA ASP B 237 15.80 -1.01 34.17
C ASP B 237 14.82 -0.43 33.15
N VAL B 238 13.88 -1.22 32.66
CA VAL B 238 12.99 -0.71 31.63
C VAL B 238 12.15 0.41 32.18
N LYS B 239 11.70 0.23 33.44
CA LYS B 239 10.98 1.29 34.19
C LYS B 239 11.70 2.66 34.17
N GLY B 240 13.01 2.66 34.39
CA GLY B 240 13.81 3.89 34.30
C GLY B 240 13.66 4.59 32.94
N TYR B 241 13.67 3.84 31.83
CA TYR B 241 13.48 4.46 30.57
C TYR B 241 12.11 5.08 30.43
N MET B 242 11.06 4.32 30.79
CA MET B 242 9.72 4.81 30.52
C MET B 242 9.42 5.98 31.41
N GLU B 243 9.94 5.93 32.65
CA GLU B 243 9.67 7.05 33.56
C GLU B 243 10.26 8.35 33.14
N LYS B 244 11.43 8.33 32.51
CA LYS B 244 11.99 9.56 32.05
C LYS B 244 11.19 10.23 30.91
N MET B 245 10.33 9.49 30.22
CA MET B 245 9.47 10.10 29.22
C MET B 245 8.05 10.37 29.81
N GLY B 246 7.87 10.15 31.15
CA GLY B 246 6.62 10.43 31.85
C GLY B 246 5.53 9.35 31.77
N TYR B 247 5.93 8.13 31.39
CA TYR B 247 4.96 7.08 31.25
C TYR B 247 4.72 6.55 32.65
N GLU B 248 3.46 6.32 33.01
CA GLU B 248 3.13 5.68 34.31
C GLU B 248 2.51 4.31 34.09
N ILE B 249 3.25 3.24 34.35
CA ILE B 249 2.79 1.90 34.07
C ILE B 249 2.89 1.19 35.41
N PRO B 250 1.77 0.59 35.87
CA PRO B 250 1.78 0.16 37.28
C PRO B 250 2.38 -1.20 37.42
N GLU B 251 2.37 -2.00 36.36
CA GLU B 251 2.92 -3.32 36.60
C GLU B 251 3.74 -3.75 35.40
N TYR B 252 5.06 -3.94 35.56
CA TYR B 252 5.95 -4.38 34.49
C TYR B 252 6.07 -5.92 34.35
N GLY B 253 5.54 -6.68 35.29
CA GLY B 253 5.73 -8.11 35.22
C GLY B 253 4.51 -8.65 34.48
N ILE B 254 4.45 -8.33 33.19
CA ILE B 254 3.36 -8.78 32.32
C ILE B 254 3.91 -9.25 30.93
N GLU B 255 3.54 -10.45 30.50
CA GLU B 255 4.24 -11.03 29.40
C GLU B 255 3.94 -10.26 28.13
N SER B 256 2.76 -9.67 28.06
CA SER B 256 2.32 -8.98 26.89
C SER B 256 2.56 -7.47 26.94
N LEU B 257 3.42 -7.04 27.86
CA LEU B 257 3.54 -5.60 28.06
C LEU B 257 4.06 -4.93 26.75
N PRO B 258 5.08 -5.53 26.07
CA PRO B 258 5.53 -4.96 24.78
C PRO B 258 4.43 -4.93 23.78
N MET B 259 3.34 -5.64 24.01
CA MET B 259 2.32 -5.54 23.01
C MET B 259 1.35 -4.47 23.44
N GLY B 260 1.66 -3.77 24.54
CA GLY B 260 0.73 -2.75 25.07
C GLY B 260 -0.22 -3.31 26.12
N GLY B 261 -0.09 -4.60 26.45
CA GLY B 261 -0.93 -5.16 27.53
C GLY B 261 -0.55 -4.49 28.82
N GLY B 262 -1.53 -4.01 29.60
CA GLY B 262 -1.27 -3.39 30.89
C GLY B 262 -0.78 -1.93 30.80
N ILE B 263 -0.96 -1.30 29.64
CA ILE B 263 -0.52 0.06 29.49
C ILE B 263 -1.65 0.84 29.00
N GLU B 264 -1.77 2.05 29.45
CA GLU B 264 -2.81 2.95 28.95
C GLU B 264 -2.33 4.40 29.04
N VAL B 265 -2.47 5.15 27.93
CA VAL B 265 -1.81 6.48 27.78
C VAL B 265 -2.71 7.47 27.04
N THR B 266 -2.54 8.78 27.26
CA THR B 266 -3.30 9.79 26.46
C THR B 266 -2.57 10.00 25.10
N VAL B 267 -3.25 10.59 24.13
CA VAL B 267 -2.55 10.89 22.90
C VAL B 267 -1.39 11.88 23.20
N ALA B 268 -1.58 12.81 24.13
CA ALA B 268 -0.52 13.80 24.36
C ALA B 268 0.74 13.18 24.96
N GLN B 269 0.58 12.26 25.88
CA GLN B 269 1.74 11.69 26.50
C GLN B 269 2.41 10.79 25.50
N HIS B 270 1.63 10.05 24.75
CA HIS B 270 2.26 9.12 23.84
C HIS B 270 3.00 9.83 22.70
N THR B 271 2.47 10.96 22.25
CA THR B 271 3.14 11.73 21.25
C THR B 271 4.51 12.10 21.83
N ASN B 272 4.51 12.36 23.14
CA ASN B 272 5.72 12.79 23.79
C ASN B 272 6.76 11.63 23.72
N GLY B 273 6.33 10.37 23.68
CA GLY B 273 7.36 9.30 23.57
C GLY B 273 7.90 9.27 22.12
N TYR B 274 7.10 9.66 21.15
CA TYR B 274 7.62 9.56 19.84
C TYR B 274 8.58 10.78 19.56
N GLN B 275 8.30 11.89 20.27
CA GLN B 275 9.08 13.10 20.22
C GLN B 275 10.51 12.75 20.62
N THR B 276 10.61 11.84 21.59
CA THR B 276 11.89 11.42 22.09
C THR B 276 12.72 10.66 21.04
N LEU B 277 12.12 9.70 20.36
CA LEU B 277 12.79 9.06 19.24
C LEU B 277 13.15 10.05 18.19
N ALA B 278 12.27 10.98 17.85
CA ALA B 278 12.50 11.82 16.68
C ALA B 278 13.61 12.85 16.97
N ASN B 279 13.67 13.32 18.20
CA ASN B 279 14.65 14.30 18.60
C ASN B 279 15.97 13.65 18.99
N ASN B 280 16.37 12.62 18.26
CA ASN B 280 17.64 11.94 18.57
C ASN B 280 17.80 11.45 19.99
N GLY B 281 16.69 11.11 20.64
CA GLY B 281 16.70 10.40 21.94
C GLY B 281 16.54 11.33 23.14
N VAL B 282 16.35 12.62 22.87
CA VAL B 282 16.32 13.60 23.92
C VAL B 282 14.87 14.06 24.14
N TYR B 283 14.32 13.71 25.31
CA TYR B 283 13.02 14.13 25.77
C TYR B 283 12.95 15.64 26.15
N HIS B 284 11.82 16.29 25.81
CA HIS B 284 11.27 17.54 26.42
C HIS B 284 9.82 17.37 26.73
N GLN B 285 9.48 17.72 27.96
CA GLN B 285 8.20 17.45 28.49
C GLN B 285 7.15 18.24 27.76
N LYS B 286 6.08 17.56 27.36
CA LYS B 286 4.97 18.18 26.66
C LYS B 286 4.45 19.33 27.51
N HIS B 287 3.99 20.42 26.88
CA HIS B 287 3.37 21.52 27.62
C HIS B 287 2.60 22.25 26.59
N VAL B 288 1.50 22.85 27.08
CA VAL B 288 0.61 23.80 26.38
C VAL B 288 0.68 25.25 26.98
N ILE B 289 1.21 25.41 28.19
CA ILE B 289 1.45 26.73 28.77
C ILE B 289 2.94 27.10 28.76
N SER B 290 3.30 28.27 28.25
CA SER B 290 4.70 28.65 28.36
C SER B 290 5.00 29.71 29.42
N LYS B 291 4.02 30.58 29.67
CA LYS B 291 4.22 31.61 30.67
C LYS B 291 2.92 32.07 31.39
N ILE B 292 3.04 32.34 32.70
CA ILE B 292 1.99 33.01 33.46
C ILE B 292 2.56 34.25 34.17
N GLU B 293 2.04 35.40 33.74
CA GLU B 293 2.50 36.69 34.21
C GLU B 293 1.36 37.50 34.85
N ALA B 294 1.58 37.96 36.09
CA ALA B 294 0.64 38.91 36.78
C ALA B 294 0.65 40.35 36.19
N ALA B 295 -0.42 41.10 36.32
CA ALA B 295 -0.36 42.49 35.80
C ALA B 295 0.73 43.36 36.49
N ASP B 296 1.32 42.88 37.59
CA ASP B 296 2.32 43.64 38.30
C ASP B 296 3.75 43.17 38.05
N GLY B 297 3.92 42.31 37.04
CA GLY B 297 5.25 41.93 36.56
C GLY B 297 5.76 40.66 37.21
N ARG B 298 5.18 40.26 38.33
CA ARG B 298 5.41 38.93 38.85
C ARG B 298 5.16 37.82 37.76
N VAL B 299 6.21 37.07 37.43
CA VAL B 299 6.14 35.93 36.50
C VAL B 299 5.88 34.67 37.35
N VAL B 300 4.67 34.18 37.30
CA VAL B 300 4.28 33.09 38.20
C VAL B 300 4.77 31.67 37.77
N TYR B 301 5.11 31.54 36.50
CA TYR B 301 5.49 30.30 35.86
C TYR B 301 6.07 30.67 34.51
N GLU B 302 7.28 30.21 34.29
CA GLU B 302 7.81 30.16 32.97
C GLU B 302 8.39 28.78 32.69
N TYR B 303 8.07 28.26 31.50
CA TYR B 303 8.60 26.98 31.04
C TYR B 303 10.13 26.98 31.08
N GLN B 304 10.70 26.05 31.84
CA GLN B 304 12.16 25.83 31.77
C GLN B 304 12.46 24.64 30.82
N ASP B 305 13.20 24.89 29.75
CA ASP B 305 13.86 23.79 29.05
C ASP B 305 14.58 22.77 30.01
N LYS B 306 14.15 21.51 30.07
CA LYS B 306 14.88 20.51 30.82
C LYS B 306 15.16 19.21 29.99
N PRO B 307 16.05 19.27 28.97
CA PRO B 307 16.32 18.09 28.09
C PRO B 307 16.86 16.85 28.81
N VAL B 308 16.32 15.67 28.47
CA VAL B 308 16.79 14.38 29.01
C VAL B 308 17.12 13.34 27.93
N GLN B 309 18.40 12.93 27.91
CA GLN B 309 18.92 11.92 26.99
C GLN B 309 18.36 10.59 27.54
N VAL B 310 17.35 10.01 26.85
CA VAL B 310 16.69 8.81 27.29
C VAL B 310 17.33 7.64 26.52
N TYR B 311 17.41 7.78 25.20
CA TYR B 311 18.16 6.82 24.41
C TYR B 311 19.42 7.54 23.93
N SER B 312 20.51 6.82 23.79
CA SER B 312 21.73 7.36 23.18
C SER B 312 21.33 7.92 21.77
N LYS B 313 22.19 8.72 21.17
CA LYS B 313 21.94 9.18 19.81
C LYS B 313 22.06 8.09 18.76
N ALA B 314 22.84 7.04 19.02
CA ALA B 314 22.94 5.94 18.07
C ALA B 314 21.62 5.14 17.98
N THR B 315 21.17 4.61 19.11
CA THR B 315 19.81 4.06 19.27
C THR B 315 18.73 4.92 18.52
N ALA B 316 18.61 6.20 18.90
CA ALA B 316 17.46 6.90 18.36
C ALA B 316 17.57 7.01 16.84
N THR B 317 18.76 7.34 16.30
CA THR B 317 18.86 7.54 14.85
C THR B 317 18.80 6.19 14.15
N ILE B 318 19.29 5.12 14.81
CA ILE B 318 19.01 3.80 14.22
C ILE B 318 17.49 3.48 14.16
N MET B 319 16.79 3.77 15.25
CA MET B 319 15.36 3.54 15.31
C MET B 319 14.65 4.38 14.22
N GLN B 320 15.16 5.58 13.94
CA GLN B 320 14.48 6.42 12.94
C GLN B 320 14.49 5.74 11.59
N GLY B 321 15.64 5.12 11.25
CA GLY B 321 15.85 4.45 10.01
C GLY B 321 14.90 3.30 9.80
N LEU B 322 14.61 2.56 10.87
CA LEU B 322 13.62 1.45 10.80
C LEU B 322 12.23 2.00 10.67
N LEU B 323 11.92 3.07 11.40
CA LEU B 323 10.54 3.58 11.37
C LEU B 323 10.25 4.21 10.02
N ARG B 324 11.29 4.62 9.29
CA ARG B 324 11.14 5.18 7.93
C ARG B 324 10.55 4.08 7.07
N GLU B 325 11.06 2.86 7.22
CA GLU B 325 10.56 1.74 6.42
C GLU B 325 9.18 1.24 6.81
N VAL B 326 8.84 1.33 8.10
CA VAL B 326 7.55 0.92 8.51
C VAL B 326 6.59 1.72 7.65
N LEU B 327 6.82 3.00 7.43
CA LEU B 327 5.85 3.68 6.58
C LEU B 327 6.05 3.42 5.09
N SER B 328 7.29 3.27 4.63
CA SER B 328 7.39 3.21 3.17
C SER B 328 7.04 1.92 2.63
N SER B 329 7.12 0.86 3.47
CA SER B 329 6.68 -0.48 3.09
C SER B 329 5.17 -0.65 2.96
N ARG B 330 4.40 0.29 3.51
CA ARG B 330 2.94 0.28 3.48
C ARG B 330 2.35 -0.96 4.07
N VAL B 331 3.13 -1.79 4.80
CA VAL B 331 2.56 -3.08 5.23
C VAL B 331 1.33 -2.92 6.18
N THR B 332 1.44 -2.03 7.19
CA THR B 332 0.33 -1.79 8.11
C THR B 332 -0.34 -0.42 7.97
N THR B 333 0.02 0.40 6.98
CA THR B 333 -0.68 1.69 6.81
C THR B 333 -0.47 2.20 5.41
N THR B 334 -1.55 2.77 4.86
CA THR B 334 -1.52 3.28 3.51
C THR B 334 -1.03 4.74 3.50
N PHE B 335 -0.55 5.22 4.66
CA PHE B 335 -0.30 6.69 4.82
C PHE B 335 0.49 7.39 3.69
N LYS B 336 1.65 6.84 3.35
CA LYS B 336 2.51 7.41 2.29
C LYS B 336 1.74 7.45 0.98
N SER B 337 1.00 6.40 0.66
CA SER B 337 0.24 6.43 -0.58
C SER B 337 -0.80 7.54 -0.57
N ASN B 338 -1.56 7.64 0.52
CA ASN B 338 -2.59 8.66 0.65
C ASN B 338 -1.99 10.03 0.55
N LEU B 339 -0.83 10.23 1.23
CA LEU B 339 -0.25 11.55 1.31
C LEU B 339 0.38 11.88 -0.05
N THR B 340 0.89 10.85 -0.75
CA THR B 340 1.46 11.11 -2.08
C THR B 340 0.37 11.70 -3.01
N SER B 341 -0.83 11.16 -2.97
CA SER B 341 -1.82 11.64 -3.85
C SER B 341 -2.31 13.05 -3.43
N LEU B 342 -2.27 13.39 -2.13
CA LEU B 342 -2.75 14.72 -1.76
C LEU B 342 -1.72 15.82 -1.95
N ASN B 343 -0.46 15.45 -1.83
CA ASN B 343 0.60 16.45 -1.77
C ASN B 343 1.92 15.73 -1.93
N PRO B 344 2.29 15.41 -3.20
CA PRO B 344 3.49 14.65 -3.49
C PRO B 344 4.71 15.35 -2.94
N THR B 345 4.70 16.66 -2.85
CA THR B 345 5.91 17.30 -2.32
C THR B 345 6.12 17.03 -0.85
N LEU B 346 5.06 17.28 -0.05
CA LEU B 346 5.06 16.92 1.42
C LEU B 346 5.39 15.41 1.67
N ALA B 347 4.87 14.55 0.78
CA ALA B 347 5.13 13.12 0.90
C ALA B 347 6.61 12.73 0.83
N ASN B 348 7.45 13.59 0.24
CA ASN B 348 8.94 13.41 0.19
C ASN B 348 9.74 14.06 1.31
N ALA B 349 9.06 14.76 2.22
CA ALA B 349 9.70 15.00 3.54
C ALA B 349 10.12 13.65 4.22
N ASP B 350 10.94 13.67 5.26
CA ASP B 350 11.52 12.45 5.78
C ASP B 350 10.56 11.91 6.92
N TRP B 351 9.44 11.29 6.53
CA TRP B 351 8.46 10.74 7.50
C TRP B 351 8.85 9.41 8.05
N ILE B 352 8.76 9.29 9.36
CA ILE B 352 8.88 7.99 10.06
C ILE B 352 7.62 7.78 10.95
N GLY B 353 7.34 6.54 11.37
CA GLY B 353 6.05 6.27 12.04
C GLY B 353 5.95 4.82 12.46
N LYS B 354 4.94 4.53 13.29
CA LYS B 354 4.53 3.18 13.71
C LYS B 354 2.98 3.16 13.86
N THR B 355 2.33 2.06 13.45
CA THR B 355 0.91 1.89 13.75
C THR B 355 0.71 1.05 15.01
N GLY B 356 -0.52 1.10 15.52
CA GLY B 356 -0.92 0.21 16.62
C GLY B 356 -2.35 -0.27 16.44
N THR B 357 -2.59 -1.53 16.78
CA THR B 357 -3.92 -2.14 16.70
C THR B 357 -4.08 -3.00 17.91
N THR B 358 -5.11 -2.66 18.64
CA THR B 358 -5.60 -3.40 19.81
C THR B 358 -6.19 -4.84 19.48
N ASN B 359 -6.26 -5.73 20.48
CA ASN B 359 -6.53 -7.16 20.19
C ASN B 359 -7.86 -7.47 19.50
N GLN B 360 -8.89 -6.63 19.78
CA GLN B 360 -10.20 -6.75 19.13
C GLN B 360 -10.46 -5.54 18.26
N ASP B 361 -9.39 -4.90 17.81
CA ASP B 361 -9.56 -3.79 16.93
C ASP B 361 -10.35 -2.72 17.64
N GLU B 362 -10.31 -2.63 18.98
CA GLU B 362 -10.93 -1.53 19.70
C GLU B 362 -10.20 -0.18 19.50
N ASN B 363 -8.89 -0.18 19.30
CA ASN B 363 -8.15 1.09 19.15
C ASN B 363 -7.08 1.02 18.08
N MET B 364 -6.99 2.08 17.28
CA MET B 364 -6.02 2.13 16.23
C MET B 364 -5.15 3.38 16.52
N TRP B 365 -3.82 3.24 16.42
CA TRP B 365 -2.93 4.38 16.55
C TRP B 365 -2.00 4.56 15.31
N LEU B 366 -1.73 5.79 14.94
CA LEU B 366 -0.69 6.01 13.94
C LEU B 366 0.18 7.15 14.50
N MET B 367 1.49 6.90 14.61
CA MET B 367 2.39 7.99 15.02
C MET B 367 3.36 8.39 13.90
N LEU B 368 3.37 9.68 13.57
CA LEU B 368 4.23 10.24 12.56
C LEU B 368 5.21 11.29 13.08
N SER B 369 6.44 11.29 12.59
CA SER B 369 7.38 12.37 12.84
C SER B 369 8.05 12.74 11.52
N THR B 370 8.32 14.03 11.32
CA THR B 370 9.46 14.50 10.53
C THR B 370 10.50 14.98 11.58
N PRO B 371 11.67 15.41 11.18
CA PRO B 371 12.62 15.85 12.23
C PRO B 371 12.17 17.02 13.07
N ARG B 372 11.39 17.88 12.48
CA ARG B 372 10.83 19.03 13.26
C ARG B 372 9.60 18.68 14.13
N LEU B 373 8.62 17.90 13.57
CA LEU B 373 7.32 17.65 14.26
C LEU B 373 6.92 16.23 14.57
N THR B 374 6.09 16.06 15.58
CA THR B 374 5.49 14.76 15.80
C THR B 374 3.99 14.94 15.86
N LEU B 375 3.27 14.04 15.22
CA LEU B 375 1.81 14.05 15.20
C LEU B 375 1.37 12.68 15.65
N GLY B 376 0.73 12.65 16.81
CA GLY B 376 0.08 11.41 17.28
C GLY B 376 -1.38 11.30 16.87
N GLY B 377 -1.85 10.09 16.65
CA GLY B 377 -3.27 9.96 16.23
C GLY B 377 -3.80 8.69 16.81
N TRP B 378 -4.93 8.79 17.54
CA TRP B 378 -5.77 7.66 17.96
C TRP B 378 -7.19 7.75 17.39
N ILE B 379 -7.78 6.61 17.05
CA ILE B 379 -9.22 6.52 16.84
C ILE B 379 -9.77 5.32 17.62
N GLY B 380 -11.03 5.45 18.05
CA GLY B 380 -11.75 4.34 18.74
C GLY B 380 -13.13 4.87 19.09
N HIS B 381 -13.97 4.06 19.73
CA HIS B 381 -15.26 4.51 20.28
C HIS B 381 -15.21 4.74 21.77
N ASP B 382 -16.07 5.62 22.24
CA ASP B 382 -16.10 5.92 23.67
C ASP B 382 -16.45 4.74 24.49
N ASP B 383 -17.35 3.89 24.04
CA ASP B 383 -17.68 2.70 24.83
C ASP B 383 -16.75 1.46 24.57
N ASN B 384 -15.65 1.64 23.83
CA ASN B 384 -14.65 0.57 23.66
C ASN B 384 -15.06 -0.54 22.72
N HIS B 385 -16.20 -0.40 22.05
CA HIS B 385 -16.58 -1.47 21.14
C HIS B 385 -15.75 -1.43 19.82
N SER B 386 -15.77 -2.52 19.04
CA SER B 386 -14.81 -2.75 17.96
C SER B 386 -14.95 -1.89 16.75
N LEU B 387 -13.83 -1.44 16.21
CA LEU B 387 -13.79 -0.79 14.90
C LEU B 387 -13.80 -1.82 13.73
N SER B 388 -13.88 -1.40 12.47
CA SER B 388 -13.74 -2.38 11.35
C SER B 388 -12.30 -2.89 11.25
N GLN B 389 -12.08 -3.94 10.48
CA GLN B 389 -10.73 -4.51 10.50
C GLN B 389 -9.68 -3.51 9.91
N GLN B 390 -10.12 -2.64 8.99
CA GLN B 390 -9.15 -1.75 8.34
C GLN B 390 -9.14 -0.32 8.79
N ALA B 391 -9.76 -0.02 9.93
CA ALA B 391 -9.91 1.39 10.35
C ALA B 391 -8.53 2.07 10.47
N GLY B 392 -7.56 1.30 10.94
CA GLY B 392 -6.25 1.83 11.11
C GLY B 392 -5.44 1.79 9.86
N TYR B 393 -5.44 0.65 9.21
CA TYR B 393 -4.69 0.48 7.96
C TYR B 393 -5.06 1.55 6.92
N SER B 394 -6.34 1.74 6.76
CA SER B 394 -6.87 2.60 5.73
C SER B 394 -7.56 3.90 6.21
N ASN B 395 -8.64 3.85 6.97
CA ASN B 395 -9.35 5.08 7.31
C ASN B 395 -8.53 6.08 8.04
N ASN B 396 -7.94 5.65 9.15
CA ASN B 396 -7.14 6.56 9.92
C ASN B 396 -5.92 7.00 9.17
N SER B 397 -5.27 6.10 8.42
CA SER B 397 -4.08 6.57 7.67
C SER B 397 -4.51 7.62 6.67
N ASN B 398 -5.67 7.43 6.05
CA ASN B 398 -6.09 8.43 5.04
C ASN B 398 -6.54 9.76 5.71
N TYR B 399 -7.24 9.69 6.83
CA TYR B 399 -7.65 10.89 7.54
C TYR B 399 -6.43 11.64 8.01
N MET B 400 -5.43 10.91 8.52
CA MET B 400 -4.25 11.61 8.98
C MET B 400 -3.42 12.30 7.87
N ALA B 401 -3.43 11.72 6.66
CA ALA B 401 -2.79 12.36 5.52
C ALA B 401 -3.48 13.69 5.24
N HIS B 402 -4.82 13.74 5.38
CA HIS B 402 -5.54 14.98 5.15
C HIS B 402 -5.17 16.03 6.20
N LEU B 403 -5.10 15.55 7.45
CA LEU B 403 -4.81 16.44 8.54
C LEU B 403 -3.36 17.00 8.38
N VAL B 404 -2.40 16.14 8.06
CA VAL B 404 -1.05 16.55 7.79
C VAL B 404 -0.99 17.59 6.64
N ASN B 405 -1.81 17.40 5.61
CA ASN B 405 -1.83 18.35 4.47
C ASN B 405 -2.36 19.68 4.97
N ALA B 406 -3.46 19.65 5.70
CA ALA B 406 -4.03 20.90 6.24
C ALA B 406 -3.06 21.73 7.05
N ILE B 407 -2.22 21.06 7.84
CA ILE B 407 -1.32 21.73 8.78
C ILE B 407 -0.36 22.48 7.89
N GLN B 408 0.01 21.82 6.79
CA GLN B 408 0.93 22.32 5.79
C GLN B 408 0.42 23.49 4.99
N GLN B 409 -0.82 23.38 4.47
CA GLN B 409 -1.47 24.53 3.82
C GLN B 409 -1.45 25.80 4.73
N ALA B 410 -1.59 25.63 6.02
CA ALA B 410 -1.64 26.74 6.92
C ALA B 410 -0.27 27.28 7.24
N SER B 411 0.77 26.43 7.12
CA SER B 411 2.07 26.83 7.57
C SER B 411 3.11 26.06 6.76
N PRO B 412 3.35 26.57 5.56
CA PRO B 412 3.94 25.70 4.60
C PRO B 412 5.35 25.23 4.87
N SER B 413 6.03 25.77 5.86
CA SER B 413 7.36 25.26 6.11
C SER B 413 7.46 24.62 7.48
N ILE B 414 6.31 24.34 8.13
CA ILE B 414 6.38 23.88 9.53
C ILE B 414 6.90 22.41 9.67
N TRP B 415 6.68 21.57 8.67
CA TRP B 415 7.18 20.19 8.71
C TRP B 415 8.65 20.13 8.45
N GLY B 416 9.23 21.05 7.69
CA GLY B 416 10.69 21.05 7.63
C GLY B 416 11.12 20.13 6.53
N ASN B 417 12.34 20.36 6.04
CA ASN B 417 12.84 19.67 4.84
C ASN B 417 14.09 18.89 5.20
N GLU B 418 14.48 18.89 6.47
CA GLU B 418 15.66 18.20 6.97
C GLU B 418 15.38 16.68 6.88
N ARG B 419 16.42 15.85 7.04
CA ARG B 419 16.32 14.38 6.97
C ARG B 419 16.89 13.82 8.23
N PHE B 420 16.35 12.72 8.70
CA PHE B 420 16.90 11.99 9.81
C PHE B 420 18.19 11.38 9.30
N ALA B 421 19.22 11.31 10.14
CA ALA B 421 20.48 10.68 9.67
C ALA B 421 21.17 9.92 10.80
N LEU B 422 21.88 8.85 10.48
CA LEU B 422 22.63 8.10 11.52
C LEU B 422 23.61 9.03 12.21
N ASP B 423 23.66 9.02 13.52
CA ASP B 423 24.71 9.65 14.31
C ASP B 423 26.07 9.05 13.95
N PRO B 424 27.15 9.85 14.03
CA PRO B 424 28.48 9.35 13.66
C PRO B 424 28.96 8.31 14.66
N SER B 425 28.46 8.36 15.91
CA SER B 425 28.83 7.34 16.92
C SER B 425 28.14 5.96 16.71
N VAL B 426 27.25 5.86 15.72
CA VAL B 426 26.66 4.54 15.36
C VAL B 426 27.82 3.67 14.91
N VAL B 427 27.80 2.41 15.35
CA VAL B 427 28.82 1.42 14.92
C VAL B 427 28.35 0.47 13.80
N LYS B 428 29.11 0.28 12.74
CA LYS B 428 28.67 -0.60 11.63
C LYS B 428 29.25 -2.01 11.66
N SER B 429 28.49 -3.06 11.35
CA SER B 429 29.06 -4.39 11.21
C SER B 429 28.66 -5.02 9.89
N GLU B 430 29.55 -5.84 9.34
CA GLU B 430 29.09 -6.66 8.23
C GLU B 430 28.75 -8.04 8.82
N VAL B 431 27.47 -8.37 8.66
CA VAL B 431 26.94 -9.62 9.11
C VAL B 431 26.28 -10.38 7.98
N LEU B 432 25.91 -11.62 8.30
CA LEU B 432 25.11 -12.45 7.42
C LEU B 432 23.66 -12.08 7.55
N LYS B 433 23.01 -11.98 6.38
CA LYS B 433 21.57 -11.98 6.23
C LYS B 433 20.85 -13.10 7.02
N SER B 434 21.45 -14.26 7.16
CA SER B 434 20.72 -15.34 7.76
C SER B 434 20.85 -15.35 9.29
N THR B 435 21.87 -14.74 9.87
CA THR B 435 22.00 -14.86 11.32
C THR B 435 22.08 -13.51 12.03
N GLY B 436 22.19 -12.45 11.23
CA GLY B 436 22.52 -11.12 11.75
C GLY B 436 23.75 -11.01 12.64
N GLN B 437 24.58 -12.05 12.69
CA GLN B 437 25.92 -11.95 13.33
C GLN B 437 27.09 -12.05 12.34
N LYS B 438 28.33 -11.72 12.74
CA LYS B 438 29.48 -11.81 11.80
C LYS B 438 29.68 -13.27 11.24
N PRO B 439 30.07 -13.42 9.93
CA PRO B 439 30.40 -14.80 9.44
C PRO B 439 31.45 -15.47 10.32
N GLY B 440 31.37 -16.78 10.46
CA GLY B 440 32.16 -17.48 11.45
C GLY B 440 31.87 -18.96 11.47
N LYS B 441 32.42 -19.63 12.46
CA LYS B 441 32.33 -21.08 12.51
C LYS B 441 31.54 -21.51 13.75
N VAL B 442 30.49 -22.30 13.54
CA VAL B 442 29.61 -22.69 14.64
C VAL B 442 29.48 -24.18 14.59
N SER B 443 29.29 -24.82 15.74
CA SER B 443 29.06 -26.25 15.72
C SER B 443 27.58 -26.60 15.76
N VAL B 444 27.17 -27.45 14.82
CA VAL B 444 25.78 -27.80 14.57
C VAL B 444 25.65 -29.32 14.60
N GLU B 445 24.83 -29.87 15.50
CA GLU B 445 24.62 -31.33 15.52
C GLU B 445 25.89 -32.04 15.97
N GLY B 446 26.67 -31.41 16.87
CA GLY B 446 28.06 -31.84 17.14
C GLY B 446 29.05 -31.47 16.02
N LYS B 447 28.78 -31.95 14.78
CA LYS B 447 29.57 -31.68 13.55
C LYS B 447 29.69 -30.18 13.13
N GLU B 448 30.93 -29.68 13.00
CA GLU B 448 31.28 -28.27 12.74
C GLU B 448 30.87 -27.67 11.38
N VAL B 449 30.73 -26.33 11.32
CA VAL B 449 30.49 -25.62 10.04
C VAL B 449 31.08 -24.23 9.89
N GLU B 450 31.40 -23.92 8.64
CA GLU B 450 31.88 -22.63 8.23
C GLU B 450 30.70 -21.94 7.59
N VAL B 451 30.19 -20.92 8.26
CA VAL B 451 29.02 -20.19 7.78
C VAL B 451 29.39 -18.99 6.93
N THR B 452 28.75 -18.88 5.77
CA THR B 452 28.98 -17.76 4.86
C THR B 452 27.71 -17.61 4.05
N GLY B 453 27.65 -16.71 3.08
CA GLY B 453 26.37 -16.54 2.34
C GLY B 453 26.24 -15.07 2.12
N SER B 454 25.10 -14.63 1.61
CA SER B 454 25.03 -13.23 1.29
C SER B 454 25.06 -12.37 2.60
N THR B 455 25.69 -11.19 2.58
CA THR B 455 25.82 -10.38 3.81
C THR B 455 25.19 -8.96 3.74
N VAL B 456 25.24 -8.23 4.86
CA VAL B 456 24.60 -6.89 4.96
C VAL B 456 25.15 -6.02 6.12
N THR B 457 25.02 -4.71 6.00
CA THR B 457 25.46 -3.86 7.10
C THR B 457 24.31 -3.76 8.11
N SER B 458 24.67 -3.92 9.39
CA SER B 458 23.76 -3.86 10.52
C SER B 458 24.31 -2.80 11.45
N TYR B 459 23.44 -1.93 11.99
CA TYR B 459 23.94 -0.85 12.82
C TYR B 459 23.77 -1.18 14.25
N TRP B 460 24.75 -0.79 15.04
CA TRP B 460 24.74 -1.02 16.50
C TRP B 460 24.99 0.24 17.35
N ALA B 461 24.52 0.15 18.60
CA ALA B 461 24.64 1.28 19.49
C ALA B 461 25.53 0.96 20.70
N ASN B 462 26.47 0.01 20.52
CA ASN B 462 27.50 -0.31 21.52
C ASN B 462 28.91 0.18 21.10
N LYS B 463 29.98 -0.29 21.77
CA LYS B 463 31.34 -0.05 21.27
C LYS B 463 31.75 -1.12 20.23
N SER B 464 31.53 -2.40 20.54
CA SER B 464 32.16 -3.45 19.75
C SER B 464 31.48 -3.83 18.46
N GLY B 465 30.28 -3.27 18.16
CA GLY B 465 29.43 -3.78 17.04
C GLY B 465 28.81 -5.18 17.24
N ALA B 466 28.41 -5.84 16.16
CA ALA B 466 27.75 -7.14 16.28
C ALA B 466 28.70 -8.28 16.62
N PRO B 467 28.23 -9.33 17.33
CA PRO B 467 29.15 -10.43 17.66
C PRO B 467 29.37 -11.37 16.50
N ALA B 468 30.23 -12.38 16.72
CA ALA B 468 30.33 -13.45 15.74
C ALA B 468 29.18 -14.42 16.05
N THR B 469 28.67 -14.97 14.95
CA THR B 469 27.58 -15.86 14.93
C THR B 469 27.83 -16.95 15.95
N SER B 470 26.92 -17.19 16.88
CA SER B 470 26.98 -18.30 17.85
C SER B 470 25.82 -19.20 17.52
N TYR B 471 25.57 -20.24 18.31
CA TYR B 471 24.54 -21.27 17.94
C TYR B 471 23.13 -20.64 17.97
N ARG B 472 22.70 -20.26 19.18
CA ARG B 472 21.46 -19.51 19.32
C ARG B 472 21.72 -18.03 18.98
N PHE B 473 21.53 -17.70 17.73
CA PHE B 473 21.93 -16.42 17.22
C PHE B 473 20.86 -15.32 17.21
N ALA B 474 19.61 -15.68 17.44
CA ALA B 474 18.49 -14.79 17.39
C ALA B 474 17.94 -14.43 18.80
N ILE B 475 16.98 -13.51 18.85
CA ILE B 475 16.26 -13.22 20.07
C ILE B 475 15.13 -14.27 20.17
N GLY B 476 15.14 -15.13 21.19
CA GLY B 476 14.19 -16.21 21.32
C GLY B 476 14.31 -17.45 20.42
N GLY B 477 13.32 -18.34 20.54
CA GLY B 477 13.32 -19.65 19.84
C GLY B 477 13.64 -20.88 20.72
N SER B 478 12.80 -21.91 20.63
CA SER B 478 13.06 -23.21 21.29
C SER B 478 14.15 -23.98 20.55
N ASP B 479 14.74 -24.97 21.21
CA ASP B 479 15.61 -25.95 20.46
C ASP B 479 15.11 -26.53 19.11
N ALA B 480 13.84 -26.92 19.05
CA ALA B 480 13.25 -27.40 17.82
C ALA B 480 13.29 -26.29 16.75
N ASP B 481 13.19 -25.03 17.20
CA ASP B 481 13.15 -23.93 16.24
C ASP B 481 14.53 -23.80 15.63
N TYR B 482 15.52 -23.87 16.51
CA TYR B 482 16.88 -23.61 16.06
C TYR B 482 17.39 -24.77 15.19
N GLN B 483 16.96 -25.98 15.55
CA GLN B 483 17.29 -27.12 14.74
C GLN B 483 16.63 -26.94 13.32
N ASN B 484 15.35 -26.54 13.27
CA ASN B 484 14.73 -26.18 11.97
C ASN B 484 15.40 -25.02 11.18
N ALA B 485 15.79 -23.96 11.84
CA ALA B 485 16.40 -22.88 11.10
C ALA B 485 17.86 -23.21 10.69
N TRP B 486 18.65 -23.71 11.65
CA TRP B 486 20.02 -24.15 11.37
C TRP B 486 20.14 -25.09 10.19
N SER B 487 19.15 -25.98 10.08
CA SER B 487 19.15 -27.01 9.09
C SER B 487 19.03 -26.31 7.73
N SER B 488 17.91 -25.64 7.55
CA SER B 488 17.67 -24.85 6.35
C SER B 488 18.81 -23.88 5.94
N ILE B 489 19.56 -23.37 6.92
CA ILE B 489 20.68 -22.50 6.62
C ILE B 489 21.81 -23.33 6.01
N VAL B 490 22.19 -24.43 6.67
CA VAL B 490 23.23 -25.31 6.14
C VAL B 490 22.80 -25.92 4.82
N GLY B 491 21.50 -25.90 4.48
CA GLY B 491 21.12 -25.98 3.07
C GLY B 491 21.95 -25.00 2.23
N SER B 492 23.29 -25.07 2.36
CA SER B 492 24.30 -24.38 1.48
C SER B 492 25.52 -25.23 0.97
S SO4 C . -2.45 -3.12 -32.92
O1 SO4 C . -2.65 -2.28 -31.76
O2 SO4 C . -3.71 -3.51 -33.47
O3 SO4 C . -1.62 -2.41 -33.86
O4 SO4 C . -1.76 -4.36 -32.54
N1 S2D D . 5.01 -8.05 -10.87
C2 S2D D . 5.57 -9.11 -11.80
C3 S2D D . 7.06 -9.61 -11.63
C1 S2D D . 5.14 -9.08 -13.25
O1 S2D D . 5.63 -8.36 -14.18
CL CL E . -0.96 1.62 -0.23
CL CL F . -10.72 -1.69 -0.74
S SO4 G . -0.99 12.66 30.95
O1 SO4 G . 0.19 13.48 31.34
O2 SO4 G . -1.43 13.05 29.62
O3 SO4 G . -0.46 11.28 31.20
O4 SO4 G . -2.03 13.04 31.84
O2 S2D H . -0.43 -1.94 14.07
C4 S2D H . -0.73 -3.08 13.76
C27 S2D H . -1.69 -3.17 12.55
C32 S2D H . -2.53 -2.06 12.21
C31 S2D H . -3.42 -2.11 11.11
C30 S2D H . -3.46 -3.27 10.32
C29 S2D H . -2.63 -4.36 10.62
C28 S2D H . -1.74 -4.32 11.72
N1 S2D H . -0.20 -4.25 14.34
C2 S2D H . 0.01 -4.91 15.69
C3 S2D H . -0.71 -6.28 16.02
C1 S2D H . 0.12 -4.02 16.90
O1 S2D H . -0.83 -3.51 17.58
#